data_4A5T
#
_entry.id   4A5T
#
_cell.length_a   118.460
_cell.length_b   118.460
_cell.length_c   179.250
_cell.angle_alpha   90.00
_cell.angle_beta   90.00
_cell.angle_gamma   90.00
#
_symmetry.space_group_name_H-M   'P 43 21 2'
#
loop_
_entity.id
_entity.type
_entity.pdbx_description
1 polymer PLASMINOGEN
2 branched 'N-acetyl-alpha-neuraminic acid-(2-3)-beta-D-galactopyranose-(1-3)-2-acetamido-2-deoxy-beta-D-galactopyranose'
3 non-polymer 'CHLORIDE ION'
#
_entity_poly.entity_id   1
_entity_poly.type   'polypeptide(L)'
_entity_poly.pdbx_seq_one_letter_code
;EPLDDYVNTQGASLFSVTKKQLGAGSIEECAAKCEEDEEFTCRAFQYHSKEQQCVIMAENRKSSIIIRMRDVVLFEKKVY
LSECKTGNGKNYRGTMSKTKNGITCQKWSSTSPHRPRFSPATHPSEGLEENYCRNPDNDPQGPWCYTTDPEKRYDYCDIL
ECEEECMHCSGENYDGKISKTMSGLECQAWDSQSPHAHGYIPSKFPNKNLKKNYCRNPDRELRPWCFTTDPNKRWELCDI
PRCTTPPPSSGPTYQCLKGTGENYRGNVAVTVSGHTCQHWSAQTPHTHNRTPENFPCKNLDENYCRNPDGKRAPWCHTTN
SQVRWEYCKIPSCDSSPVSTEQLAPTAPPELTPVVQDCYHGDGQSYRGTSSTTTTGKKCQSWSSMTPHRHQKTPENYPNA
GLTMNYCRNPDADKGPWCFTTDPSVRWEYCNLKKCSGTEASVVAPPPVVLLPDVETPSEEDCMFGNGKGYRGKRATTVTG
TPCQDWAAQEPHRHSIFTPETNPRAGLEKNYCRNPDGDVGGPWCYTTNPRKLYDYCDVPQCAAPSFDCGKPQVEPKKCPG
RVVGGCVAHPHSWPWQVSLRTRFGMHFCGGTLISPEWVLTAAHCLEKSPRPSSYKVILGAHQEVNLEPHVQEIEVSRLFL
EPTRKDIALLKLSSPAVITDKVIPACLPSPNYVVADRTECFITGWGETQGTFGAGLLKEAQLPVIENKVCNRYEFLNGRV
QSTELCAGHLAGGTDSCQGDSGGPLVCFEKDKYILQGVTSWGLGCARPNKPGVYVRVSRFVTWIEGVMRNN
;
_entity_poly.pdbx_strand_id   S
#
loop_
_chem_comp.id
_chem_comp.type
_chem_comp.name
_chem_comp.formula
CL non-polymer 'CHLORIDE ION' 'Cl -1'
GAL D-saccharide, beta linking beta-D-galactopyranose 'C6 H12 O6'
NGA D-saccharide, beta linking 2-acetamido-2-deoxy-beta-D-galactopyranose 'C8 H15 N O6'
SIA D-saccharide, alpha linking 'N-acetyl-alpha-neuraminic acid' 'C11 H19 N O9'
#
# COMPACT_ATOMS: atom_id res chain seq x y z
N GLU A 1 17.98 -0.27 21.46
CA GLU A 1 16.76 -0.57 20.70
C GLU A 1 16.93 -1.56 19.49
N PRO A 2 17.93 -1.42 18.55
CA PRO A 2 19.01 -0.42 18.44
C PRO A 2 18.65 0.92 17.77
N LEU A 3 17.99 0.88 16.59
CA LEU A 3 17.59 2.05 15.80
C LEU A 3 16.07 2.16 15.75
N ASP A 4 15.40 1.59 16.77
CA ASP A 4 13.95 1.61 16.90
C ASP A 4 13.51 2.97 17.44
N ASP A 5 14.47 3.78 17.92
CA ASP A 5 14.22 5.13 18.43
C ASP A 5 14.37 6.20 17.32
N TYR A 6 14.61 5.75 16.07
CA TYR A 6 14.74 6.61 14.89
C TYR A 6 13.74 6.28 13.77
N VAL A 7 13.44 7.29 12.92
CA VAL A 7 12.58 7.18 11.74
C VAL A 7 13.54 7.26 10.54
N ASN A 8 13.71 6.14 9.83
CA ASN A 8 14.63 6.06 8.69
C ASN A 8 13.97 6.45 7.38
N THR A 9 14.69 7.26 6.56
CA THR A 9 14.24 7.70 5.24
C THR A 9 15.40 7.70 4.26
N GLN A 10 15.32 6.80 3.27
CA GLN A 10 16.31 6.62 2.20
C GLN A 10 15.98 7.57 1.06
N GLY A 11 17.01 8.28 0.59
CA GLY A 11 16.89 9.25 -0.51
C GLY A 11 16.51 10.64 -0.06
N ALA A 12 16.62 10.90 1.24
CA ALA A 12 16.26 12.15 1.88
C ALA A 12 17.47 12.88 2.47
N SER A 13 17.49 14.19 2.32
CA SER A 13 18.55 15.05 2.82
C SER A 13 17.95 16.28 3.50
N LEU A 14 18.09 16.33 4.81
CA LEU A 14 17.62 17.43 5.63
C LEU A 14 18.67 18.50 5.59
N PHE A 15 18.33 19.70 5.13
CA PHE A 15 19.36 20.72 5.16
C PHE A 15 19.47 21.37 6.48
N SER A 16 20.69 21.56 6.95
CA SER A 16 20.91 22.12 8.27
C SER A 16 22.02 23.19 8.32
N VAL A 17 22.06 23.93 9.45
CA VAL A 17 23.05 24.96 9.69
C VAL A 17 23.91 24.50 10.86
N THR A 18 23.29 24.30 12.05
CA THR A 18 24.06 23.80 13.20
C THR A 18 24.30 22.30 13.06
N LYS A 19 25.48 21.93 12.54
CA LYS A 19 25.85 20.52 12.31
C LYS A 19 27.32 20.17 12.60
N LYS A 20 27.67 18.88 12.41
CA LYS A 20 29.03 18.33 12.51
C LYS A 20 29.15 17.16 11.52
N GLN A 21 30.00 17.32 10.49
CA GLN A 21 30.23 16.31 9.45
C GLN A 21 31.55 15.60 9.72
N LEU A 22 31.57 14.27 9.54
CA LEU A 22 32.74 13.43 9.79
C LEU A 22 32.65 12.04 9.14
N GLY A 23 33.81 11.43 8.91
CA GLY A 23 33.94 10.09 8.34
C GLY A 23 33.49 9.02 9.31
N ALA A 24 32.75 8.02 8.78
CA ALA A 24 32.21 6.88 9.52
C ALA A 24 32.13 5.68 8.58
N GLY A 25 32.28 4.49 9.14
CA GLY A 25 32.22 3.26 8.37
C GLY A 25 30.82 2.71 8.24
N SER A 26 30.01 2.94 9.27
CA SER A 26 28.65 2.40 9.32
C SER A 26 27.64 3.35 9.90
N ILE A 27 26.37 3.02 9.68
CA ILE A 27 25.21 3.73 10.20
C ILE A 27 25.28 3.69 11.73
N GLU A 28 25.60 2.51 12.30
CA GLU A 28 25.75 2.28 13.74
C GLU A 28 26.86 3.15 14.34
N GLU A 29 27.98 3.33 13.59
CA GLU A 29 29.12 4.15 14.00
C GLU A 29 28.65 5.60 14.05
N CYS A 30 27.89 6.00 13.01
CA CYS A 30 27.32 7.32 12.81
C CYS A 30 26.26 7.61 13.91
N ALA A 31 25.39 6.63 14.20
CA ALA A 31 24.34 6.69 15.22
C ALA A 31 24.94 6.91 16.58
N ALA A 32 26.06 6.21 16.86
CA ALA A 32 26.80 6.30 18.10
C ALA A 32 27.25 7.73 18.30
N LYS A 33 27.93 8.33 17.29
CA LYS A 33 28.41 9.72 17.34
C LYS A 33 27.28 10.72 17.54
N CYS A 34 26.03 10.34 17.20
CA CYS A 34 24.86 11.18 17.43
C CYS A 34 24.49 11.09 18.90
N GLU A 35 24.37 9.85 19.42
CA GLU A 35 24.03 9.53 20.80
C GLU A 35 25.02 10.15 21.79
N GLU A 36 26.33 10.16 21.40
CA GLU A 36 27.43 10.84 22.11
C GLU A 36 27.18 12.30 21.79
N ASP A 37 26.20 12.87 22.48
CA ASP A 37 25.68 14.21 22.30
C ASP A 37 26.53 15.31 22.92
N GLU A 38 27.27 16.04 22.05
CA GLU A 38 28.15 17.15 22.42
C GLU A 38 27.85 18.33 21.50
N GLU A 39 28.18 19.58 21.95
CA GLU A 39 27.97 20.84 21.24
C GLU A 39 26.50 21.24 21.09
N PHE A 40 25.65 20.30 20.62
CA PHE A 40 24.22 20.50 20.39
C PHE A 40 23.44 19.21 20.61
N THR A 41 22.11 19.29 20.64
CA THR A 41 21.27 18.10 20.78
C THR A 41 21.04 17.47 19.40
N CYS A 42 21.85 16.45 19.05
CA CYS A 42 21.74 15.73 17.78
C CYS A 42 20.30 15.27 17.66
N ARG A 43 19.55 15.89 16.78
CA ARG A 43 18.16 15.53 16.61
C ARG A 43 17.93 14.60 15.44
N ALA A 44 18.91 14.53 14.52
CA ALA A 44 18.87 13.71 13.32
C ALA A 44 20.27 13.49 12.75
N PHE A 45 20.42 12.47 11.87
CA PHE A 45 21.69 12.17 11.24
C PHE A 45 21.58 11.64 9.81
N GLN A 46 22.53 12.04 8.96
CA GLN A 46 22.61 11.65 7.56
C GLN A 46 23.82 10.77 7.30
N TYR A 47 23.62 9.64 6.62
CA TYR A 47 24.75 8.78 6.26
C TYR A 47 24.85 8.63 4.77
N HIS A 48 26.00 9.05 4.22
CA HIS A 48 26.31 8.99 2.79
C HIS A 48 27.11 7.74 2.42
N SER A 49 26.40 6.60 2.26
CA SER A 49 26.91 5.26 1.94
C SER A 49 28.20 5.21 1.11
N LYS A 50 28.17 5.86 -0.08
CA LYS A 50 29.27 5.87 -1.06
C LYS A 50 30.43 6.77 -0.72
N GLU A 51 30.26 7.66 0.27
CA GLU A 51 31.30 8.62 0.66
C GLU A 51 31.87 8.41 2.06
N GLN A 52 31.37 7.39 2.79
CA GLN A 52 31.76 7.10 4.17
C GLN A 52 31.53 8.31 5.11
N GLN A 53 30.86 9.37 4.60
CA GLN A 53 30.59 10.57 5.39
C GLN A 53 29.33 10.43 6.22
N CYS A 54 29.30 11.14 7.35
CA CYS A 54 28.21 11.13 8.31
C CYS A 54 27.98 12.52 8.86
N VAL A 55 26.75 13.03 8.68
CA VAL A 55 26.38 14.34 9.19
C VAL A 55 25.51 14.13 10.43
N ILE A 56 25.77 14.90 11.47
CA ILE A 56 25.05 14.90 12.73
C ILE A 56 24.49 16.31 12.84
N MET A 57 23.16 16.43 12.96
CA MET A 57 22.56 17.76 13.05
C MET A 57 21.48 17.94 14.12
N ALA A 58 21.31 19.19 14.60
CA ALA A 58 20.31 19.56 15.61
C ALA A 58 18.93 19.87 14.98
N GLU A 59 18.80 19.74 13.65
CA GLU A 59 17.57 20.04 12.92
C GLU A 59 16.74 18.78 12.70
N ASN A 60 15.40 18.96 12.54
CA ASN A 60 14.35 17.96 12.32
C ASN A 60 13.56 18.41 11.11
N ARG A 61 12.64 17.57 10.61
CA ARG A 61 11.76 17.97 9.49
C ARG A 61 10.79 19.06 9.95
N LYS A 62 10.47 19.05 11.26
CA LYS A 62 9.63 20.03 11.93
C LYS A 62 10.27 21.44 11.86
N SER A 63 11.54 21.55 12.24
CA SER A 63 12.27 22.81 12.27
C SER A 63 13.00 23.22 10.98
N SER A 64 13.24 22.27 10.05
CA SER A 64 13.96 22.53 8.79
C SER A 64 13.20 22.01 7.55
N ILE A 65 13.91 21.75 6.43
CA ILE A 65 13.37 21.26 5.16
C ILE A 65 14.14 20.03 4.65
N ILE A 66 13.41 19.06 4.09
CA ILE A 66 14.03 17.87 3.50
C ILE A 66 13.93 17.95 1.97
N ILE A 67 14.97 17.45 1.30
CA ILE A 67 15.01 17.35 -0.16
C ILE A 67 15.42 15.93 -0.60
N ARG A 68 15.03 15.58 -1.82
CA ARG A 68 15.35 14.35 -2.52
C ARG A 68 16.87 14.43 -2.83
N MET A 69 17.63 13.37 -2.53
CA MET A 69 19.08 13.32 -2.73
C MET A 69 19.57 11.89 -2.99
N ARG A 70 20.80 11.74 -3.51
CA ARG A 70 21.36 10.42 -3.81
C ARG A 70 22.13 9.72 -2.69
N ASP A 71 22.01 8.37 -2.67
CA ASP A 71 22.58 7.41 -1.71
C ASP A 71 22.14 7.58 -0.24
N VAL A 72 22.34 8.80 0.32
CA VAL A 72 22.04 9.23 1.69
C VAL A 72 20.80 8.64 2.39
N VAL A 73 20.97 8.22 3.66
CA VAL A 73 19.88 7.73 4.49
C VAL A 73 19.69 8.72 5.60
N LEU A 74 18.43 9.06 5.93
CA LEU A 74 18.15 10.02 6.99
C LEU A 74 17.53 9.32 8.15
N PHE A 75 18.06 9.59 9.34
CA PHE A 75 17.55 9.01 10.57
C PHE A 75 17.20 10.14 11.53
N GLU A 76 15.91 10.26 11.86
CA GLU A 76 15.40 11.30 12.76
C GLU A 76 14.95 10.70 14.05
N LYS A 77 15.45 11.24 15.18
CA LYS A 77 15.09 10.80 16.53
C LYS A 77 13.58 10.98 16.73
N LYS A 78 12.86 9.84 16.84
CA LYS A 78 11.41 9.75 17.00
C LYS A 78 10.87 10.71 18.05
N VAL A 79 11.55 10.74 19.22
CA VAL A 79 11.28 11.54 20.42
C VAL A 79 10.97 13.02 20.11
N TYR A 80 11.77 13.59 19.20
CA TYR A 80 11.67 14.99 18.78
C TYR A 80 10.58 15.26 17.75
N LEU A 81 10.07 14.19 17.09
CA LEU A 81 8.95 14.27 16.13
C LEU A 81 7.64 13.97 16.86
N SER A 82 7.74 13.20 17.97
CA SER A 82 6.60 12.83 18.81
C SER A 82 5.97 14.06 19.48
N GLU A 83 4.78 14.43 18.98
CA GLU A 83 3.99 15.55 19.46
C GLU A 83 3.05 15.17 20.63
N CYS A 84 3.27 13.99 21.25
CA CYS A 84 2.46 13.53 22.38
C CYS A 84 3.29 13.24 23.61
N LYS A 85 2.61 13.13 24.78
CA LYS A 85 3.20 12.80 26.06
C LYS A 85 2.80 11.41 26.48
N THR A 86 3.66 10.78 27.28
CA THR A 86 3.39 9.45 27.84
C THR A 86 2.87 9.64 29.27
N GLY A 87 3.67 9.28 30.27
CA GLY A 87 3.28 9.42 31.67
C GLY A 87 3.22 10.88 32.06
N ASN A 88 4.24 11.32 32.81
CA ASN A 88 4.35 12.71 33.26
C ASN A 88 4.95 13.57 32.15
N GLY A 89 5.47 12.94 31.10
CA GLY A 89 6.07 13.67 30.00
C GLY A 89 7.43 14.25 30.37
N LYS A 90 8.20 13.46 31.13
CA LYS A 90 9.57 13.77 31.54
C LYS A 90 10.40 13.83 30.30
N ASN A 91 10.10 12.91 29.39
CA ASN A 91 10.82 12.83 28.16
C ASN A 91 10.11 13.44 26.97
N TYR A 92 9.07 14.26 27.24
CA TYR A 92 8.33 14.97 26.19
C TYR A 92 9.16 16.05 25.50
N ARG A 93 9.27 15.96 24.18
CA ARG A 93 9.99 16.98 23.44
C ARG A 93 9.19 17.60 22.28
N GLY A 94 7.90 17.84 22.51
CA GLY A 94 7.03 18.44 21.51
C GLY A 94 7.20 19.93 21.41
N THR A 95 6.20 20.59 20.83
CA THR A 95 6.17 22.00 20.49
C THR A 95 4.97 22.73 21.12
N MET A 96 4.27 22.13 22.13
CA MET A 96 3.14 22.86 22.74
C MET A 96 3.63 24.15 23.38
N SER A 97 3.01 25.28 23.03
CA SER A 97 3.44 26.60 23.54
C SER A 97 2.38 27.39 24.31
N LYS A 98 1.23 26.78 24.63
CA LYS A 98 0.23 27.46 25.45
C LYS A 98 -0.13 26.51 26.55
N THR A 99 -0.52 27.01 27.72
CA THR A 99 -0.91 26.15 28.85
C THR A 99 -2.29 25.53 28.59
N LYS A 100 -2.81 24.77 29.55
CA LYS A 100 -4.12 24.17 29.40
C LYS A 100 -5.24 25.25 29.35
N ASN A 101 -4.94 26.48 29.82
CA ASN A 101 -5.84 27.63 29.78
C ASN A 101 -5.66 28.46 28.47
N GLY A 102 -4.77 27.98 27.61
CA GLY A 102 -4.47 28.64 26.34
C GLY A 102 -3.62 29.89 26.41
N ILE A 103 -2.99 30.16 27.56
CA ILE A 103 -2.08 31.31 27.70
C ILE A 103 -0.73 30.90 27.08
N THR A 104 -0.14 31.86 26.33
CA THR A 104 1.15 31.70 25.68
C THR A 104 2.26 31.57 26.69
N CYS A 105 3.14 30.59 26.45
CA CYS A 105 4.30 30.43 27.29
C CYS A 105 5.25 31.63 27.25
N GLN A 106 6.31 31.56 28.05
CA GLN A 106 7.43 32.49 28.10
C GLN A 106 8.55 31.55 27.67
N LYS A 107 9.68 32.10 27.21
CA LYS A 107 10.79 31.23 26.84
C LYS A 107 11.57 30.86 28.09
N TRP A 108 12.19 29.69 28.07
CA TRP A 108 12.96 29.22 29.22
C TRP A 108 14.21 30.08 29.43
N SER A 109 14.66 30.74 28.34
CA SER A 109 15.83 31.60 28.32
C SER A 109 15.52 33.08 28.54
N SER A 110 14.24 33.43 28.78
CA SER A 110 13.89 34.82 29.11
C SER A 110 13.74 34.92 30.61
N THR A 111 13.76 36.15 31.14
CA THR A 111 13.67 36.48 32.56
C THR A 111 12.54 37.49 32.73
N SER A 112 11.63 37.50 31.75
CA SER A 112 10.46 38.36 31.70
C SER A 112 9.33 37.68 30.93
N PRO A 113 8.06 37.81 31.40
CA PRO A 113 7.62 38.55 32.59
C PRO A 113 8.06 37.94 33.92
N HIS A 114 8.62 36.73 33.87
CA HIS A 114 9.09 35.94 35.01
C HIS A 114 10.55 35.57 34.94
N ARG A 115 11.22 35.61 36.09
CA ARG A 115 12.62 35.20 36.13
C ARG A 115 12.59 33.75 36.60
N PRO A 116 12.90 32.83 35.67
CA PRO A 116 12.76 31.39 35.95
C PRO A 116 13.77 30.73 36.87
N ARG A 117 13.29 29.74 37.60
CA ARG A 117 14.10 28.90 38.47
C ARG A 117 14.64 27.73 37.62
N PHE A 118 13.87 27.34 36.58
CA PHE A 118 14.30 26.31 35.64
C PHE A 118 14.56 26.98 34.31
N SER A 119 15.76 26.73 33.79
CA SER A 119 16.29 27.30 32.56
C SER A 119 17.38 26.40 31.94
N PRO A 120 17.71 26.70 30.66
CA PRO A 120 18.74 25.92 29.97
C PRO A 120 20.10 26.04 30.61
N ALA A 121 20.37 27.13 31.33
CA ALA A 121 21.62 27.33 32.04
C ALA A 121 21.85 26.22 33.09
N THR A 122 20.83 26.02 33.93
CA THR A 122 20.69 25.17 35.10
C THR A 122 20.30 23.74 34.78
N HIS A 123 19.41 23.54 33.80
CA HIS A 123 18.99 22.17 33.49
C HIS A 123 19.27 21.87 32.04
N PRO A 124 20.59 21.89 31.75
CA PRO A 124 21.05 21.64 30.38
C PRO A 124 20.46 20.39 29.74
N SER A 125 20.21 19.33 30.52
CA SER A 125 19.68 18.08 29.96
C SER A 125 18.16 18.00 29.85
N GLU A 126 17.49 19.07 30.25
CA GLU A 126 16.04 19.14 30.32
C GLU A 126 15.25 19.49 29.08
N GLY A 127 15.91 19.85 27.98
CA GLY A 127 15.25 20.20 26.73
C GLY A 127 14.47 21.50 26.83
N LEU A 128 14.94 22.41 27.71
CA LEU A 128 14.28 23.69 27.92
C LEU A 128 14.42 24.64 26.71
N GLU A 129 13.87 24.23 25.55
CA GLU A 129 13.92 24.94 24.26
C GLU A 129 12.70 25.81 23.89
N GLU A 130 12.97 27.04 23.40
CA GLU A 130 11.92 27.98 23.01
C GLU A 130 10.99 28.26 24.20
N ASN A 131 9.68 28.28 24.00
CA ASN A 131 8.75 28.54 25.09
C ASN A 131 7.94 27.25 25.36
N TYR A 132 8.36 26.17 24.70
CA TYR A 132 7.72 24.85 24.75
C TYR A 132 7.55 24.27 26.14
N CYS A 133 6.41 23.60 26.36
CA CYS A 133 6.05 22.92 27.61
C CYS A 133 6.97 21.77 27.93
N ARG A 134 7.53 21.78 29.14
CA ARG A 134 8.43 20.72 29.58
C ARG A 134 8.22 20.41 31.03
N ASN A 135 8.70 19.23 31.44
CA ASN A 135 8.62 18.72 32.80
C ASN A 135 10.00 18.55 33.46
N PRO A 136 10.66 19.69 33.75
CA PRO A 136 12.01 19.66 34.34
C PRO A 136 12.12 18.93 35.66
N ASP A 137 11.12 19.10 36.51
CA ASP A 137 11.06 18.53 37.85
C ASP A 137 10.30 17.22 37.95
N ASN A 138 9.79 16.71 36.81
CA ASN A 138 9.03 15.45 36.78
C ASN A 138 7.75 15.45 37.67
N ASP A 139 7.07 16.59 37.69
CA ASP A 139 5.84 16.86 38.41
C ASP A 139 4.78 15.86 37.97
N PRO A 140 4.06 15.23 38.90
CA PRO A 140 3.01 14.26 38.49
C PRO A 140 1.93 14.88 37.62
N GLN A 141 1.86 16.22 37.55
CA GLN A 141 0.87 16.91 36.73
C GLN A 141 1.17 17.15 35.25
N GLY A 142 2.35 16.72 34.75
CA GLY A 142 2.70 16.86 33.34
C GLY A 142 3.22 18.22 32.89
N PRO A 143 3.78 18.34 31.65
CA PRO A 143 4.30 19.62 31.16
C PRO A 143 3.53 20.89 31.51
N TRP A 144 4.32 21.92 31.71
CA TRP A 144 3.94 23.27 32.11
C TRP A 144 5.02 24.15 31.50
N CYS A 145 4.89 25.46 31.68
CA CYS A 145 5.85 26.46 31.18
C CYS A 145 5.64 27.74 31.99
N TYR A 146 6.60 28.69 31.93
CA TYR A 146 6.35 29.99 32.54
C TYR A 146 5.45 30.72 31.48
N THR A 147 4.51 31.53 31.96
CA THR A 147 3.44 32.25 31.30
C THR A 147 3.78 33.69 30.94
N THR A 148 3.17 34.18 29.85
CA THR A 148 3.30 35.57 29.44
C THR A 148 2.28 36.43 30.20
N ASP A 149 1.51 35.80 31.09
CA ASP A 149 0.62 36.52 31.97
C ASP A 149 1.49 36.87 33.19
N PRO A 150 1.66 38.19 33.44
CA PRO A 150 2.48 38.62 34.58
C PRO A 150 1.92 38.19 35.94
N GLU A 151 0.59 38.27 36.17
CA GLU A 151 0.03 37.82 37.45
C GLU A 151 -0.17 36.30 37.56
N LYS A 152 0.48 35.54 36.67
CA LYS A 152 0.42 34.09 36.59
C LYS A 152 1.80 33.46 36.26
N ARG A 153 2.58 33.06 37.30
CA ARG A 153 3.95 32.55 37.10
C ARG A 153 4.13 31.36 36.14
N TYR A 154 3.41 30.27 36.36
CA TYR A 154 3.41 29.13 35.46
C TYR A 154 2.01 28.59 35.42
N ASP A 155 1.84 27.48 34.75
CA ASP A 155 0.60 26.71 34.61
C ASP A 155 0.93 25.53 33.71
N TYR A 156 0.13 24.49 33.79
CA TYR A 156 0.32 23.31 32.99
C TYR A 156 -0.36 23.46 31.64
N CYS A 157 0.20 22.72 30.72
CA CYS A 157 -0.15 22.59 29.32
C CYS A 157 -0.92 21.29 29.15
N ASP A 158 -1.76 21.28 28.09
CA ASP A 158 -2.65 20.20 27.68
C ASP A 158 -2.14 19.45 26.48
N ILE A 159 -1.25 18.51 26.76
CA ILE A 159 -0.60 17.67 25.77
C ILE A 159 -1.38 16.38 25.77
N LEU A 160 -1.73 15.98 24.57
CA LEU A 160 -2.52 14.79 24.34
C LEU A 160 -1.66 13.55 24.54
N GLU A 161 -2.25 12.50 25.12
CA GLU A 161 -1.51 11.29 25.46
C GLU A 161 -1.01 10.42 24.32
N CYS A 162 0.14 9.79 24.56
CA CYS A 162 0.88 8.95 23.62
C CYS A 162 0.40 7.48 23.63
N GLU A 163 -0.16 7.03 22.49
CA GLU A 163 -0.69 5.68 22.26
C GLU A 163 0.32 4.52 22.35
N GLU A 164 1.19 4.57 23.35
CA GLU A 164 2.18 3.54 23.62
C GLU A 164 1.63 2.59 24.69
N GLU A 165 1.12 3.17 25.78
CA GLU A 165 0.53 2.42 26.87
C GLU A 165 -0.96 2.12 26.61
N CYS A 166 -1.71 3.04 25.99
CA CYS A 166 -3.17 2.94 25.81
C CYS A 166 -3.69 3.30 24.41
N MET A 167 -4.95 2.98 24.16
CA MET A 167 -5.58 3.34 22.90
C MET A 167 -6.73 4.33 23.07
N HIS A 168 -6.84 5.23 22.11
CA HIS A 168 -7.99 6.11 22.03
C HIS A 168 -8.96 5.43 21.09
N CYS A 169 -10.24 5.61 21.40
CA CYS A 169 -11.38 5.11 20.64
C CYS A 169 -11.30 3.60 20.42
N SER A 170 -11.13 3.19 19.16
CA SER A 170 -11.06 1.78 18.75
C SER A 170 -9.64 1.36 18.31
N GLY A 171 -8.66 2.23 18.51
CA GLY A 171 -7.25 1.93 18.26
C GLY A 171 -6.83 2.06 16.82
N GLU A 172 -7.55 2.87 16.05
CA GLU A 172 -7.26 3.13 14.65
C GLU A 172 -5.80 3.60 14.51
N ASN A 173 -5.36 4.45 15.46
CA ASN A 173 -4.01 5.00 15.51
C ASN A 173 -3.18 4.40 16.65
N TYR A 174 -3.55 3.20 17.12
CA TYR A 174 -2.77 2.56 18.18
C TYR A 174 -1.44 2.08 17.62
N ASP A 175 -0.35 2.55 18.22
CA ASP A 175 1.01 2.20 17.80
C ASP A 175 1.84 1.65 18.95
N GLY A 176 1.17 1.05 19.92
CA GLY A 176 1.81 0.44 21.07
C GLY A 176 2.52 -0.89 20.80
N LYS A 177 3.01 -1.49 21.88
CA LYS A 177 3.87 -2.65 21.86
C LYS A 177 3.25 -3.97 22.30
N ILE A 178 1.93 -4.01 22.54
CA ILE A 178 1.30 -5.27 22.93
C ILE A 178 1.30 -6.21 21.73
N SER A 179 1.75 -7.46 21.95
CA SER A 179 1.91 -8.44 20.89
C SER A 179 1.33 -9.80 21.21
N LYS A 180 0.31 -9.84 22.07
CA LYS A 180 -0.44 -11.05 22.36
C LYS A 180 -1.93 -10.73 22.37
N THR A 181 -2.76 -11.73 22.10
CA THR A 181 -4.19 -11.57 21.96
C THR A 181 -4.90 -11.64 23.30
N MET A 182 -6.23 -11.45 23.24
CA MET A 182 -7.19 -11.63 24.31
C MET A 182 -6.88 -12.92 25.09
N SER A 183 -6.74 -14.05 24.35
CA SER A 183 -6.52 -15.37 24.91
C SER A 183 -5.08 -15.64 25.34
N GLY A 184 -4.16 -14.76 24.96
CA GLY A 184 -2.75 -14.88 25.34
C GLY A 184 -1.85 -15.47 24.28
N LEU A 185 -2.37 -15.69 23.07
CA LEU A 185 -1.56 -16.24 21.98
C LEU A 185 -0.63 -15.16 21.47
N GLU A 186 0.62 -15.53 21.17
CA GLU A 186 1.55 -14.57 20.61
C GLU A 186 1.19 -14.30 19.16
N CYS A 187 1.22 -13.02 18.78
CA CYS A 187 0.93 -12.55 17.45
C CYS A 187 1.95 -13.04 16.46
N GLN A 188 1.48 -13.29 15.24
CA GLN A 188 2.34 -13.59 14.11
C GLN A 188 2.77 -12.22 13.59
N ALA A 189 4.04 -12.12 13.16
CA ALA A 189 4.57 -10.90 12.58
C ALA A 189 3.85 -10.60 11.28
N TRP A 190 3.50 -9.33 11.07
CA TRP A 190 2.81 -8.85 9.88
C TRP A 190 3.57 -9.19 8.60
N ASP A 191 4.91 -9.16 8.64
CA ASP A 191 5.75 -9.47 7.49
C ASP A 191 5.96 -10.97 7.26
N SER A 192 5.32 -11.82 8.09
CA SER A 192 5.41 -13.26 7.92
C SER A 192 4.11 -13.87 7.41
N GLN A 193 4.24 -14.99 6.70
CA GLN A 193 3.12 -15.72 6.13
C GLN A 193 2.91 -17.08 6.81
N SER A 194 3.57 -17.28 7.95
CA SER A 194 3.47 -18.52 8.70
C SER A 194 3.13 -18.27 10.16
N PRO A 195 2.20 -19.07 10.73
CA PRO A 195 1.46 -20.14 10.06
C PRO A 195 0.30 -19.66 9.18
N HIS A 196 0.06 -18.34 9.08
CA HIS A 196 -1.08 -17.84 8.34
C HIS A 196 -0.75 -16.96 7.17
N ALA A 197 -1.23 -17.37 5.99
CA ALA A 197 -1.04 -16.59 4.78
C ALA A 197 -2.09 -15.50 4.87
N HIS A 198 -1.74 -14.27 4.49
CA HIS A 198 -2.68 -13.16 4.62
C HIS A 198 -2.34 -12.03 3.71
N GLY A 199 -3.27 -11.09 3.59
CA GLY A 199 -3.14 -9.95 2.71
C GLY A 199 -2.69 -8.67 3.35
N TYR A 200 -2.44 -8.67 4.64
CA TYR A 200 -2.05 -7.45 5.35
C TYR A 200 -0.54 -7.28 5.27
N ILE A 201 -0.03 -7.16 4.04
CA ILE A 201 1.39 -7.06 3.83
C ILE A 201 1.90 -5.66 4.08
N PRO A 202 2.82 -5.52 5.05
CA PRO A 202 3.34 -4.20 5.40
C PRO A 202 3.80 -3.40 4.19
N SER A 203 4.56 -4.01 3.27
CA SER A 203 5.03 -3.28 2.10
C SER A 203 3.89 -2.74 1.25
N LYS A 204 2.71 -3.42 1.30
CA LYS A 204 1.53 -2.97 0.58
C LYS A 204 0.84 -1.81 1.29
N PHE A 205 0.90 -1.77 2.64
CA PHE A 205 0.26 -0.74 3.48
C PHE A 205 1.24 -0.11 4.49
N PRO A 206 2.28 0.59 3.98
CA PRO A 206 3.33 1.17 4.86
C PRO A 206 2.81 2.16 5.91
N ASN A 207 1.82 2.93 5.51
CA ASN A 207 1.18 3.92 6.35
C ASN A 207 0.27 3.28 7.43
N LYS A 208 0.06 1.96 7.39
CA LYS A 208 -0.74 1.30 8.42
C LYS A 208 0.08 0.82 9.64
N ASN A 209 1.41 1.05 9.59
CA ASN A 209 2.31 0.76 10.71
C ASN A 209 2.17 -0.69 11.18
N LEU A 210 2.17 -1.64 10.23
CA LEU A 210 2.09 -3.05 10.60
C LEU A 210 3.50 -3.53 10.94
N LYS A 211 3.94 -3.08 12.11
CA LYS A 211 5.28 -3.26 12.63
C LYS A 211 5.44 -4.56 13.39
N LYS A 212 6.51 -5.31 13.12
CA LYS A 212 6.85 -6.56 13.82
C LYS A 212 5.62 -7.45 14.04
N ASN A 213 5.28 -7.77 15.30
CA ASN A 213 4.11 -8.60 15.58
C ASN A 213 3.16 -7.94 16.59
N TYR A 214 3.01 -6.62 16.48
CA TYR A 214 2.18 -5.84 17.39
C TYR A 214 0.73 -5.77 16.96
N CYS A 215 -0.18 -5.73 17.94
CA CYS A 215 -1.61 -5.60 17.71
C CYS A 215 -1.91 -4.31 17.00
N ARG A 216 -2.70 -4.35 15.93
CA ARG A 216 -3.01 -3.15 15.16
C ARG A 216 -4.45 -3.13 14.68
N ASN A 217 -4.97 -1.95 14.31
CA ASN A 217 -6.32 -1.85 13.75
C ASN A 217 -6.30 -1.11 12.40
N PRO A 218 -5.86 -1.83 11.36
CA PRO A 218 -5.71 -1.20 10.04
C PRO A 218 -6.98 -1.13 9.22
N ASP A 219 -8.05 -1.78 9.70
CA ASP A 219 -9.24 -1.98 8.90
C ASP A 219 -10.57 -1.76 9.60
N ARG A 220 -10.60 -0.87 10.59
CA ARG A 220 -11.86 -0.54 11.26
C ARG A 220 -12.48 -1.71 12.01
N GLU A 221 -11.64 -2.51 12.67
CA GLU A 221 -12.12 -3.59 13.52
C GLU A 221 -12.66 -2.94 14.81
N LEU A 222 -13.25 -3.75 15.70
CA LEU A 222 -13.72 -3.26 16.99
C LEU A 222 -12.56 -2.73 17.81
N ARG A 223 -11.39 -3.38 17.70
CA ARG A 223 -10.19 -3.08 18.46
C ARG A 223 -8.97 -3.57 17.69
N PRO A 224 -7.74 -3.18 18.09
CA PRO A 224 -6.55 -3.79 17.48
C PRO A 224 -6.54 -5.31 17.71
N TRP A 225 -5.99 -6.02 16.74
CA TRP A 225 -5.96 -7.47 16.68
C TRP A 225 -4.69 -7.86 15.98
N CYS A 226 -4.45 -9.16 15.84
CA CYS A 226 -3.33 -9.67 15.06
C CYS A 226 -3.64 -11.06 14.57
N PHE A 227 -2.81 -11.55 13.61
CA PHE A 227 -2.85 -12.94 13.19
C PHE A 227 -2.07 -13.69 14.28
N THR A 228 -2.41 -14.95 14.57
CA THR A 228 -1.75 -15.67 15.67
C THR A 228 -0.78 -16.74 15.23
N THR A 229 0.17 -17.08 16.12
CA THR A 229 1.15 -18.13 15.91
C THR A 229 0.52 -19.52 16.07
N ASP A 230 -0.74 -19.56 16.55
CA ASP A 230 -1.50 -20.80 16.67
C ASP A 230 -2.12 -21.15 15.31
N PRO A 231 -1.59 -22.22 14.68
CA PRO A 231 -2.12 -22.67 13.37
C PRO A 231 -3.65 -22.82 13.32
N ASN A 232 -4.28 -23.13 14.46
CA ASN A 232 -5.73 -23.31 14.56
C ASN A 232 -6.53 -22.02 14.68
N LYS A 233 -5.87 -20.90 15.03
CA LYS A 233 -6.58 -19.64 15.17
C LYS A 233 -5.91 -18.59 14.31
N ARG A 234 -6.54 -18.27 13.18
CA ARG A 234 -6.01 -17.31 12.23
C ARG A 234 -5.75 -15.96 12.88
N TRP A 235 -6.78 -15.37 13.52
CA TRP A 235 -6.71 -14.04 14.13
C TRP A 235 -7.60 -13.93 15.36
N GLU A 236 -7.32 -12.92 16.20
CA GLU A 236 -8.06 -12.64 17.41
C GLU A 236 -7.84 -11.21 17.82
N LEU A 237 -8.85 -10.61 18.45
CA LEU A 237 -8.72 -9.27 19.00
C LEU A 237 -7.68 -9.28 20.12
N CYS A 238 -7.09 -8.12 20.37
CA CYS A 238 -6.16 -7.99 21.47
C CYS A 238 -6.84 -7.25 22.63
N ASP A 239 -6.21 -7.32 23.81
CA ASP A 239 -6.70 -6.67 25.03
C ASP A 239 -5.93 -5.34 25.24
N ILE A 240 -6.35 -4.28 24.54
CA ILE A 240 -5.66 -2.98 24.63
C ILE A 240 -6.33 -2.07 25.61
N PRO A 241 -5.59 -1.61 26.64
CA PRO A 241 -6.20 -0.70 27.62
C PRO A 241 -6.68 0.60 26.99
N ARG A 242 -7.85 1.07 27.43
CA ARG A 242 -8.42 2.32 26.94
C ARG A 242 -7.88 3.47 27.75
N CYS A 243 -7.56 4.57 27.07
CA CYS A 243 -7.07 5.76 27.77
C CYS A 243 -8.19 6.55 28.40
N THR A 244 -7.93 7.06 29.62
CA THR A 244 -8.84 7.88 30.40
C THR A 244 -8.83 9.33 29.93
N THR A 245 -7.71 9.73 29.31
CA THR A 245 -7.44 11.08 28.78
C THR A 245 -8.43 11.43 27.62
N PRO A 246 -8.70 12.72 27.31
CA PRO A 246 -9.65 13.02 26.21
C PRO A 246 -9.11 12.62 24.84
N PRO A 247 -9.97 12.14 23.92
CA PRO A 247 -9.47 11.73 22.59
C PRO A 247 -8.96 12.91 21.76
N PRO A 248 -8.09 12.68 20.74
CA PRO A 248 -7.60 13.81 19.93
C PRO A 248 -8.71 14.55 19.18
N SER A 249 -8.47 15.85 18.94
CA SER A 249 -9.37 16.81 18.28
C SER A 249 -9.95 16.33 16.93
N SER A 250 -11.28 16.07 16.90
CA SER A 250 -12.00 15.61 15.71
C SER A 250 -13.35 16.36 15.53
N GLY A 251 -13.61 16.76 14.29
CA GLY A 251 -14.82 17.47 13.90
C GLY A 251 -14.77 18.00 12.48
N PRO A 252 -15.73 18.85 12.05
CA PRO A 252 -16.88 19.38 12.79
C PRO A 252 -18.12 18.49 12.78
N THR A 253 -18.98 18.63 13.81
CA THR A 253 -20.22 17.86 13.99
C THR A 253 -21.45 18.61 13.48
N TYR A 254 -22.42 17.88 12.84
CA TYR A 254 -23.64 18.52 12.34
C TYR A 254 -24.94 17.95 12.86
N GLN A 255 -25.95 18.81 13.02
CA GLN A 255 -27.29 18.42 13.46
C GLN A 255 -28.16 18.24 12.21
N CYS A 256 -27.49 18.25 11.04
CA CYS A 256 -28.09 18.09 9.72
C CYS A 256 -27.19 17.19 8.86
N LEU A 257 -27.75 16.62 7.79
CA LEU A 257 -27.01 15.73 6.91
C LEU A 257 -25.98 16.39 5.99
N LYS A 258 -24.73 15.89 6.07
CA LYS A 258 -23.62 16.30 5.23
C LYS A 258 -22.86 15.05 4.80
N GLY A 259 -22.94 14.72 3.51
CA GLY A 259 -22.27 13.56 2.95
C GLY A 259 -22.91 12.26 3.39
N THR A 260 -22.10 11.35 3.97
CA THR A 260 -22.59 10.05 4.44
C THR A 260 -23.02 10.07 5.91
N GLY A 261 -23.15 11.27 6.47
CA GLY A 261 -23.56 11.46 7.86
C GLY A 261 -22.61 10.92 8.91
N GLU A 262 -21.33 10.74 8.56
CA GLU A 262 -20.35 10.26 9.54
C GLU A 262 -20.20 11.28 10.67
N ASN A 263 -20.41 12.56 10.37
CA ASN A 263 -20.29 13.67 11.32
C ASN A 263 -21.62 14.07 11.96
N TYR A 264 -22.70 13.32 11.71
CA TYR A 264 -24.01 13.63 12.28
C TYR A 264 -24.03 13.39 13.80
N ARG A 265 -24.59 14.35 14.54
CA ARG A 265 -24.68 14.31 16.01
C ARG A 265 -26.06 14.82 16.45
N GLY A 266 -27.05 14.79 15.55
CA GLY A 266 -28.40 15.24 15.87
C GLY A 266 -29.16 14.25 16.74
N ASN A 267 -30.49 14.44 16.84
CA ASN A 267 -31.32 13.59 17.71
C ASN A 267 -32.43 12.78 17.02
N VAL A 268 -32.40 12.65 15.68
CA VAL A 268 -33.42 11.87 14.97
C VAL A 268 -33.35 10.41 15.41
N ALA A 269 -34.49 9.82 15.79
CA ALA A 269 -34.56 8.44 16.27
C ALA A 269 -35.61 7.58 15.55
N VAL A 270 -35.81 7.83 14.26
CA VAL A 270 -36.76 7.09 13.44
C VAL A 270 -36.13 6.83 12.07
N THR A 271 -36.44 5.68 11.45
CA THR A 271 -35.90 5.33 10.13
C THR A 271 -36.78 5.89 8.99
N VAL A 272 -36.36 5.67 7.72
CA VAL A 272 -37.09 6.12 6.52
C VAL A 272 -38.47 5.47 6.41
N SER A 273 -38.55 4.16 6.66
CA SER A 273 -39.83 3.46 6.59
C SER A 273 -40.68 3.69 7.84
N GLY A 274 -40.20 4.54 8.75
CA GLY A 274 -40.91 4.93 9.96
C GLY A 274 -40.67 4.12 11.23
N HIS A 275 -39.64 3.27 11.24
CA HIS A 275 -39.33 2.42 12.41
C HIS A 275 -38.68 3.15 13.58
N THR A 276 -38.92 2.64 14.81
CA THR A 276 -38.32 3.22 16.01
C THR A 276 -36.92 2.64 16.18
N CYS A 277 -35.93 3.51 16.39
CA CYS A 277 -34.55 3.09 16.61
C CYS A 277 -34.42 2.37 17.94
N GLN A 278 -33.62 1.30 17.94
CA GLN A 278 -33.29 0.55 19.16
C GLN A 278 -32.10 1.31 19.78
N HIS A 279 -32.09 1.45 21.12
CA HIS A 279 -30.98 2.12 21.80
C HIS A 279 -29.71 1.34 21.49
N TRP A 280 -28.59 2.03 21.18
CA TRP A 280 -27.31 1.39 20.86
C TRP A 280 -26.76 0.57 22.05
N SER A 281 -27.09 1.00 23.29
CA SER A 281 -26.67 0.31 24.52
C SER A 281 -27.50 -0.94 24.84
N ALA A 282 -28.56 -1.20 24.04
CA ALA A 282 -29.45 -2.34 24.24
C ALA A 282 -29.21 -3.45 23.23
N GLN A 283 -29.50 -4.70 23.64
CA GLN A 283 -29.31 -5.88 22.80
C GLN A 283 -30.62 -6.56 22.41
N THR A 284 -31.73 -5.83 22.49
CA THR A 284 -33.04 -6.36 22.16
C THR A 284 -33.81 -5.29 21.41
N PRO A 285 -34.55 -5.65 20.36
CA PRO A 285 -34.73 -7.00 19.82
C PRO A 285 -33.55 -7.58 19.05
N HIS A 286 -32.49 -6.78 18.79
CA HIS A 286 -31.36 -7.29 18.02
C HIS A 286 -30.03 -7.19 18.71
N THR A 287 -29.24 -8.29 18.62
CA THR A 287 -27.89 -8.35 19.17
C THR A 287 -26.94 -7.72 18.18
N HIS A 288 -25.95 -6.98 18.67
CA HIS A 288 -24.99 -6.29 17.81
C HIS A 288 -23.74 -5.87 18.59
N ASN A 289 -22.73 -5.33 17.90
CA ASN A 289 -21.47 -4.91 18.51
C ASN A 289 -21.22 -3.40 18.42
N ARG A 290 -22.16 -2.67 17.81
CA ARG A 290 -22.08 -1.22 17.66
C ARG A 290 -22.58 -0.55 18.92
N THR A 291 -21.81 -0.70 20.01
CA THR A 291 -22.11 -0.19 21.34
C THR A 291 -21.23 1.01 21.72
N PRO A 292 -21.73 1.90 22.60
CA PRO A 292 -20.92 3.04 23.06
C PRO A 292 -19.57 2.60 23.66
N GLU A 293 -19.53 1.39 24.23
CA GLU A 293 -18.32 0.84 24.83
C GLU A 293 -17.29 0.55 23.75
N ASN A 294 -17.69 -0.12 22.64
CA ASN A 294 -16.78 -0.45 21.55
C ASN A 294 -16.42 0.74 20.70
N PHE A 295 -17.36 1.68 20.53
CA PHE A 295 -17.14 2.84 19.67
C PHE A 295 -17.39 4.16 20.41
N PRO A 296 -16.54 4.47 21.43
CA PRO A 296 -16.74 5.68 22.24
C PRO A 296 -16.70 7.01 21.48
N CYS A 297 -15.87 7.10 20.45
CA CYS A 297 -15.73 8.32 19.66
C CYS A 297 -16.81 8.46 18.57
N LYS A 298 -17.83 7.59 18.57
CA LYS A 298 -18.91 7.64 17.58
C LYS A 298 -20.22 8.21 18.09
N ASN A 299 -20.27 8.47 19.40
CA ASN A 299 -21.42 9.06 20.10
C ASN A 299 -22.71 8.33 19.78
N LEU A 300 -22.71 7.03 20.06
CA LEU A 300 -23.84 6.14 19.85
C LEU A 300 -24.75 6.27 21.06
N ASP A 301 -25.29 7.49 21.24
CA ASP A 301 -26.13 7.85 22.37
C ASP A 301 -27.60 7.57 22.13
N GLU A 302 -28.32 7.23 23.22
CA GLU A 302 -29.74 6.88 23.21
C GLU A 302 -30.00 5.96 22.02
N ASN A 303 -30.94 6.32 21.16
CA ASN A 303 -31.25 5.55 19.98
C ASN A 303 -31.20 6.47 18.77
N TYR A 304 -30.30 7.47 18.80
CA TYR A 304 -30.18 8.41 17.70
C TYR A 304 -29.54 7.78 16.46
N CYS A 305 -30.01 8.15 15.26
CA CYS A 305 -29.42 7.65 14.02
C CYS A 305 -27.95 8.10 13.97
N ARG A 306 -27.06 7.19 13.57
CA ARG A 306 -25.64 7.46 13.48
C ARG A 306 -25.06 6.65 12.34
N ASN A 307 -23.91 7.05 11.80
CA ASN A 307 -23.23 6.27 10.79
C ASN A 307 -21.82 5.99 11.35
N PRO A 308 -21.73 5.04 12.32
CA PRO A 308 -20.45 4.75 12.97
C PRO A 308 -19.50 3.94 12.08
N ASP A 309 -20.05 3.19 11.12
CA ASP A 309 -19.26 2.39 10.20
C ASP A 309 -19.18 3.12 8.84
N GLY A 310 -18.91 2.40 7.76
CA GLY A 310 -18.77 3.03 6.44
C GLY A 310 -20.00 2.95 5.57
N LYS A 311 -21.19 3.23 6.12
CA LYS A 311 -22.44 3.17 5.36
C LYS A 311 -22.75 4.42 4.54
N ARG A 312 -23.76 4.32 3.66
CA ARG A 312 -24.20 5.39 2.77
C ARG A 312 -24.75 6.61 3.51
N ALA A 313 -25.48 6.39 4.62
CA ALA A 313 -26.07 7.45 5.40
C ALA A 313 -26.32 6.99 6.84
N PRO A 314 -26.74 7.88 7.76
CA PRO A 314 -27.05 7.41 9.12
C PRO A 314 -28.08 6.29 9.11
N TRP A 315 -28.01 5.44 10.14
CA TRP A 315 -28.87 4.28 10.29
C TRP A 315 -29.01 3.93 11.77
N CYS A 316 -29.78 2.87 12.07
CA CYS A 316 -30.00 2.37 13.41
C CYS A 316 -30.65 1.00 13.35
N HIS A 317 -30.46 0.20 14.41
CA HIS A 317 -31.13 -1.08 14.54
C HIS A 317 -32.55 -0.66 14.93
N THR A 318 -33.57 -1.44 14.55
CA THR A 318 -34.94 -1.04 14.91
C THR A 318 -35.54 -1.88 16.05
N THR A 319 -36.54 -1.32 16.75
CA THR A 319 -37.25 -2.06 17.82
C THR A 319 -38.22 -3.08 17.16
N ASN A 320 -38.30 -3.08 15.82
CA ASN A 320 -39.14 -4.00 15.05
C ASN A 320 -38.40 -5.31 14.96
N SER A 321 -38.96 -6.37 15.54
CA SER A 321 -38.33 -7.69 15.51
C SER A 321 -38.05 -8.19 14.08
N GLN A 322 -38.74 -7.64 13.07
CA GLN A 322 -38.62 -8.09 11.68
C GLN A 322 -37.66 -7.33 10.80
N VAL A 323 -37.17 -6.19 11.29
CA VAL A 323 -36.25 -5.36 10.52
C VAL A 323 -35.04 -5.11 11.40
N ARG A 324 -33.96 -5.86 11.17
CA ARG A 324 -32.74 -5.75 11.96
C ARG A 324 -32.26 -4.29 12.01
N TRP A 325 -32.06 -3.67 10.84
CA TRP A 325 -31.60 -2.28 10.75
C TRP A 325 -32.15 -1.61 9.50
N GLU A 326 -32.08 -0.28 9.48
CA GLU A 326 -32.53 0.51 8.34
C GLU A 326 -31.89 1.89 8.36
N TYR A 327 -31.79 2.50 7.18
CA TYR A 327 -31.27 3.85 7.05
C TYR A 327 -32.29 4.86 7.50
N CYS A 328 -31.82 5.97 8.04
CA CYS A 328 -32.66 7.08 8.47
C CYS A 328 -32.61 8.12 7.36
N LYS A 329 -33.62 9.00 7.28
CA LYS A 329 -33.65 10.07 6.30
C LYS A 329 -33.38 11.39 7.01
N ILE A 330 -32.10 11.77 7.05
CA ILE A 330 -31.63 12.99 7.71
C ILE A 330 -31.63 14.19 6.75
N PRO A 331 -32.27 15.32 7.15
CA PRO A 331 -32.27 16.49 6.27
C PRO A 331 -30.87 17.02 6.03
N SER A 332 -30.48 17.17 4.75
CA SER A 332 -29.18 17.70 4.35
C SER A 332 -28.95 19.08 4.99
N CYS A 333 -27.68 19.50 5.14
CA CYS A 333 -27.37 20.83 5.70
C CYS A 333 -27.59 21.91 4.61
N ASP A 334 -27.13 23.15 4.87
CA ASP A 334 -27.20 24.29 3.94
C ASP A 334 -25.85 24.54 3.22
N SER A 335 -25.62 25.76 2.68
CA SER A 335 -24.39 26.12 1.94
C SER A 335 -23.22 26.52 2.86
N SER A 336 -21.99 26.08 2.47
CA SER A 336 -20.71 26.31 3.16
C SER A 336 -19.52 25.95 2.22
N PRO A 337 -18.29 26.50 2.36
CA PRO A 337 -17.21 26.14 1.43
C PRO A 337 -16.29 24.96 1.84
N VAL A 338 -16.68 24.17 2.86
CA VAL A 338 -15.88 23.02 3.32
C VAL A 338 -16.48 21.65 2.95
N SER A 339 -17.74 21.38 3.34
CA SER A 339 -18.42 20.12 3.02
C SER A 339 -19.28 20.24 1.73
N THR A 340 -18.64 20.74 0.66
CA THR A 340 -19.19 20.94 -0.70
C THR A 340 -19.17 19.63 -1.51
N GLU A 341 -18.97 18.48 -0.81
CA GLU A 341 -18.82 17.09 -1.31
C GLU A 341 -17.34 16.84 -1.71
N GLN A 342 -16.45 17.78 -1.32
CA GLN A 342 -15.00 17.78 -1.59
C GLN A 342 -14.16 17.67 -0.31
N LEU A 343 -13.35 16.58 -0.20
CA LEU A 343 -12.38 16.18 0.85
C LEU A 343 -11.88 14.73 0.59
N ALA A 344 -10.86 14.25 1.38
CA ALA A 344 -10.24 12.91 1.33
C ALA A 344 -9.44 12.57 0.04
N PRO A 345 -8.46 11.62 0.07
CA PRO A 345 -7.67 11.33 -1.14
C PRO A 345 -8.19 10.22 -2.07
N THR A 346 -8.34 8.98 -1.55
CA THR A 346 -8.77 7.74 -2.22
C THR A 346 -7.72 7.06 -3.12
N ALA A 347 -6.82 7.85 -3.74
CA ALA A 347 -5.74 7.42 -4.64
C ALA A 347 -6.23 7.03 -6.04
N PRO A 348 -5.42 7.30 -7.10
CA PRO A 348 -5.87 6.99 -8.47
C PRO A 348 -5.83 5.50 -8.84
N PRO A 349 -6.44 5.07 -9.99
CA PRO A 349 -6.37 3.63 -10.35
C PRO A 349 -5.01 3.25 -10.93
N GLU A 350 -4.76 1.94 -11.10
CA GLU A 350 -3.46 1.46 -11.58
C GLU A 350 -3.38 1.43 -13.10
N LEU A 351 -3.11 2.59 -13.71
CA LEU A 351 -3.03 2.77 -15.17
C LEU A 351 -1.61 2.59 -15.77
N THR A 352 -0.70 1.87 -15.05
CA THR A 352 0.64 1.65 -15.56
C THR A 352 0.71 0.67 -16.74
N PRO A 353 1.31 1.12 -17.87
CA PRO A 353 1.37 0.27 -19.09
C PRO A 353 2.08 -1.07 -18.92
N VAL A 354 1.36 -2.18 -19.16
CA VAL A 354 1.86 -3.58 -19.11
C VAL A 354 2.91 -3.78 -20.18
N VAL A 355 2.64 -3.25 -21.40
CA VAL A 355 3.59 -3.23 -22.51
C VAL A 355 4.51 -2.09 -22.05
N GLN A 356 5.59 -2.45 -21.31
CA GLN A 356 6.53 -1.52 -20.69
C GLN A 356 6.78 -0.31 -21.57
N ASP A 357 6.36 0.87 -21.06
CA ASP A 357 6.47 2.17 -21.71
C ASP A 357 7.95 2.53 -21.83
N CYS A 358 8.33 3.44 -22.75
CA CYS A 358 9.74 3.86 -22.81
C CYS A 358 9.93 5.35 -22.84
N TYR A 359 11.14 5.79 -22.48
CA TYR A 359 11.45 7.21 -22.51
C TYR A 359 12.66 7.49 -23.37
N HIS A 360 12.71 8.70 -23.95
CA HIS A 360 13.83 9.17 -24.75
C HIS A 360 14.74 10.07 -23.93
N GLY A 361 16.04 10.01 -24.22
CA GLY A 361 17.06 10.82 -23.55
C GLY A 361 17.07 10.72 -22.05
N ASP A 362 16.76 11.82 -21.36
CA ASP A 362 16.70 11.80 -19.91
C ASP A 362 15.25 11.72 -19.43
N GLY A 363 14.33 11.56 -20.37
CA GLY A 363 12.90 11.42 -20.11
C GLY A 363 12.19 12.64 -19.56
N GLN A 364 12.76 13.85 -19.72
CA GLN A 364 12.09 15.07 -19.25
C GLN A 364 10.83 15.28 -20.12
N SER A 365 10.77 14.64 -21.29
CA SER A 365 9.63 14.76 -22.20
C SER A 365 8.63 13.63 -22.02
N TYR A 366 8.92 12.63 -21.15
CA TYR A 366 8.04 11.47 -20.95
C TYR A 366 6.69 11.88 -20.37
N ARG A 367 5.59 11.52 -21.04
CA ARG A 367 4.26 11.89 -20.56
C ARG A 367 3.32 10.72 -20.37
N GLY A 368 3.90 9.56 -20.09
CA GLY A 368 3.15 8.33 -19.90
C GLY A 368 2.34 8.19 -18.63
N THR A 369 1.74 7.01 -18.50
CA THR A 369 0.89 6.60 -17.39
C THR A 369 1.61 5.70 -16.34
N SER A 370 2.92 5.37 -16.55
CA SER A 370 3.68 4.55 -15.60
C SER A 370 3.70 5.24 -14.25
N SER A 371 3.51 4.46 -13.20
CA SER A 371 3.49 5.00 -11.85
C SER A 371 4.00 3.99 -10.86
N THR A 372 4.95 3.14 -11.31
CA THR A 372 5.59 2.11 -10.50
C THR A 372 7.09 2.27 -10.58
N THR A 373 7.73 2.27 -9.41
CA THR A 373 9.18 2.38 -9.31
C THR A 373 9.85 1.05 -9.71
N THR A 374 11.16 1.13 -9.81
CA THR A 374 12.15 0.10 -10.12
C THR A 374 12.01 -1.15 -9.20
N THR A 375 11.54 -0.94 -7.95
CA THR A 375 11.35 -2.00 -6.93
C THR A 375 9.88 -2.41 -6.75
N GLY A 376 8.98 -1.93 -7.61
CA GLY A 376 7.56 -2.24 -7.54
C GLY A 376 6.70 -1.37 -6.64
N LYS A 377 7.29 -0.33 -6.01
CA LYS A 377 6.56 0.58 -5.14
C LYS A 377 5.66 1.50 -5.96
N LYS A 378 4.53 1.95 -5.38
CA LYS A 378 3.58 2.83 -6.07
C LYS A 378 4.00 4.25 -5.86
N CYS A 379 3.90 5.07 -6.91
CA CYS A 379 4.25 6.50 -6.85
C CYS A 379 3.24 7.29 -6.04
N GLN A 380 3.75 8.23 -5.27
CA GLN A 380 2.97 9.21 -4.52
C GLN A 380 2.50 10.30 -5.54
N SER A 381 1.31 10.88 -5.30
CA SER A 381 0.79 11.94 -6.18
C SER A 381 1.60 13.20 -5.97
N TRP A 382 1.90 13.89 -7.07
CA TRP A 382 2.69 15.12 -7.07
C TRP A 382 1.99 16.23 -6.28
N SER A 383 0.65 16.21 -6.26
CA SER A 383 -0.13 17.20 -5.52
C SER A 383 -0.23 16.87 -4.01
N SER A 384 0.06 15.63 -3.60
CA SER A 384 -0.02 15.29 -2.19
C SER A 384 1.29 15.57 -1.41
N MET A 385 1.18 15.97 -0.12
CA MET A 385 2.35 16.22 0.72
C MET A 385 2.57 15.07 1.69
N THR A 386 1.89 13.96 1.43
CA THR A 386 1.97 12.80 2.30
C THR A 386 2.20 11.49 1.51
N PRO A 387 3.10 10.59 1.94
CA PRO A 387 3.95 10.65 3.14
C PRO A 387 5.16 11.56 3.00
N HIS A 388 5.43 12.08 1.82
CA HIS A 388 6.60 12.94 1.65
C HIS A 388 6.21 14.34 1.25
N ARG A 389 6.66 15.37 2.01
CA ARG A 389 6.39 16.76 1.61
C ARG A 389 7.45 17.10 0.60
N HIS A 390 7.10 17.93 -0.38
CA HIS A 390 8.05 18.31 -1.44
C HIS A 390 7.61 19.56 -2.17
N GLN A 391 8.48 20.08 -3.01
CA GLN A 391 8.15 21.28 -3.77
C GLN A 391 8.12 21.04 -5.27
N LYS A 392 7.98 19.79 -5.69
CA LYS A 392 7.88 19.42 -7.10
C LYS A 392 6.40 19.36 -7.45
N THR A 393 5.76 20.53 -7.39
CA THR A 393 4.34 20.66 -7.62
C THR A 393 4.11 21.32 -8.96
N PRO A 394 2.92 21.02 -9.55
CA PRO A 394 2.57 21.63 -10.84
C PRO A 394 2.65 23.15 -10.80
N GLU A 395 2.52 23.76 -9.62
CA GLU A 395 2.65 25.22 -9.51
C GLU A 395 4.10 25.70 -9.69
N ASN A 396 5.10 24.95 -9.16
CA ASN A 396 6.52 25.25 -9.27
C ASN A 396 7.12 24.76 -10.59
N TYR A 397 6.54 23.70 -11.17
CA TYR A 397 7.04 23.16 -12.44
C TYR A 397 5.88 23.06 -13.43
N PRO A 398 5.39 24.21 -13.95
CA PRO A 398 4.19 24.19 -14.82
C PRO A 398 4.24 23.40 -16.10
N ASN A 399 5.43 23.21 -16.66
CA ASN A 399 5.56 22.51 -17.91
C ASN A 399 6.09 21.09 -17.77
N ALA A 400 6.28 20.55 -16.54
CA ALA A 400 6.83 19.20 -16.31
C ALA A 400 5.85 18.04 -16.45
N GLY A 401 4.59 18.38 -16.67
CA GLY A 401 3.48 17.43 -16.77
C GLY A 401 3.21 16.72 -15.45
N LEU A 402 3.30 17.42 -14.31
CA LEU A 402 3.09 16.81 -12.98
C LEU A 402 1.61 16.54 -12.64
N THR A 403 1.05 15.45 -13.18
CA THR A 403 -0.34 15.04 -12.96
C THR A 403 -0.42 13.70 -12.25
N MET A 404 -1.48 13.51 -11.44
CA MET A 404 -1.73 12.28 -10.69
C MET A 404 -0.46 11.82 -10.00
N ASN A 405 -0.05 10.56 -10.18
CA ASN A 405 1.16 10.02 -9.58
C ASN A 405 2.07 9.43 -10.65
N TYR A 406 2.01 9.97 -11.87
CA TYR A 406 2.80 9.44 -12.97
C TYR A 406 4.27 9.78 -12.84
N CYS A 407 5.15 8.88 -13.32
CA CYS A 407 6.60 9.07 -13.34
C CYS A 407 6.97 10.25 -14.22
N ARG A 408 7.75 11.20 -13.69
CA ARG A 408 8.18 12.39 -14.44
C ARG A 408 9.62 12.77 -14.08
N ASN A 409 10.15 13.82 -14.69
CA ASN A 409 11.52 14.26 -14.41
C ASN A 409 11.56 15.80 -14.35
N PRO A 410 10.96 16.37 -13.29
CA PRO A 410 10.87 17.83 -13.19
C PRO A 410 12.20 18.55 -13.00
N ASP A 411 13.13 17.89 -12.30
CA ASP A 411 14.43 18.44 -11.91
C ASP A 411 15.59 18.01 -12.79
N ALA A 412 15.28 17.56 -13.98
CA ALA A 412 16.28 17.17 -14.99
C ALA A 412 17.35 16.17 -14.46
N ASP A 413 16.88 15.08 -13.86
CA ASP A 413 17.77 14.00 -13.39
C ASP A 413 18.03 13.05 -14.57
N LYS A 414 18.63 11.89 -14.33
CA LYS A 414 18.97 10.93 -15.39
C LYS A 414 17.81 10.21 -16.07
N GLY A 415 16.64 10.19 -15.43
CA GLY A 415 15.46 9.52 -15.97
C GLY A 415 14.26 9.77 -15.11
N PRO A 416 13.06 9.39 -15.58
CA PRO A 416 11.83 9.63 -14.80
C PRO A 416 11.86 8.93 -13.44
N TRP A 417 11.27 9.59 -12.44
CA TRP A 417 11.24 9.17 -11.05
C TRP A 417 9.95 9.67 -10.41
N CYS A 418 9.70 9.30 -9.15
CA CYS A 418 8.52 9.74 -8.39
C CYS A 418 8.83 9.55 -6.93
N PHE A 419 8.10 10.29 -6.11
CA PHE A 419 8.13 10.14 -4.67
C PHE A 419 7.35 8.83 -4.45
N THR A 420 7.75 8.00 -3.50
CA THR A 420 7.12 6.69 -3.30
C THR A 420 6.09 6.77 -2.19
N THR A 421 5.11 5.84 -2.19
CA THR A 421 4.11 5.82 -1.12
C THR A 421 4.63 5.14 0.15
N ASP A 422 5.89 4.66 0.16
CA ASP A 422 6.50 4.02 1.33
C ASP A 422 7.11 5.12 2.16
N PRO A 423 6.69 5.26 3.44
CA PRO A 423 7.24 6.33 4.28
C PRO A 423 8.77 6.32 4.45
N SER A 424 9.38 5.13 4.35
CA SER A 424 10.82 4.95 4.53
C SER A 424 11.71 5.19 3.31
N VAL A 425 11.12 5.37 2.13
CA VAL A 425 11.85 5.56 0.86
C VAL A 425 11.25 6.78 0.17
N ARG A 426 11.96 7.91 0.29
CA ARG A 426 11.49 9.17 -0.25
C ARG A 426 11.12 9.12 -1.73
N TRP A 427 12.02 8.61 -2.58
CA TRP A 427 11.80 8.57 -4.02
C TRP A 427 12.65 7.47 -4.67
N GLU A 428 12.25 7.00 -5.86
CA GLU A 428 13.00 6.02 -6.63
C GLU A 428 12.78 6.31 -8.09
N TYR A 429 13.65 5.74 -8.94
CA TYR A 429 13.48 5.85 -10.38
C TYR A 429 12.34 4.93 -10.77
N CYS A 430 11.73 5.26 -11.87
CA CYS A 430 10.58 4.51 -12.35
C CYS A 430 10.99 3.29 -13.11
N ASN A 431 10.10 2.30 -13.16
CA ASN A 431 10.27 1.06 -13.91
C ASN A 431 9.93 1.36 -15.37
N LEU A 432 10.93 1.84 -16.11
CA LEU A 432 10.80 2.26 -17.50
C LEU A 432 12.08 1.95 -18.24
N LYS A 433 11.95 1.54 -19.48
CA LYS A 433 13.07 1.26 -20.37
C LYS A 433 13.36 2.51 -21.17
N LYS A 434 14.61 2.70 -21.53
CA LYS A 434 15.07 3.83 -22.35
C LYS A 434 14.80 3.44 -23.81
N CYS A 435 13.90 4.15 -24.52
CA CYS A 435 13.57 3.90 -25.92
C CYS A 435 14.82 3.55 -26.72
N GLU A 460 25.79 -9.09 -26.98
CA GLU A 460 24.89 -8.57 -25.95
C GLU A 460 25.65 -8.26 -24.65
N ASP A 461 25.27 -7.15 -24.00
CA ASP A 461 25.86 -6.64 -22.74
C ASP A 461 24.73 -5.93 -21.98
N CYS A 462 24.11 -6.67 -21.05
CA CYS A 462 22.93 -6.22 -20.33
C CYS A 462 22.94 -6.77 -18.90
N MET A 463 22.05 -6.24 -18.05
CA MET A 463 21.98 -6.72 -16.67
C MET A 463 20.62 -7.30 -16.32
N PHE A 464 20.58 -7.95 -15.16
CA PHE A 464 19.38 -8.45 -14.52
C PHE A 464 19.13 -7.64 -13.24
N GLY A 465 17.90 -7.20 -13.05
CA GLY A 465 17.49 -6.44 -11.87
C GLY A 465 18.28 -5.16 -11.72
N ASN A 466 18.85 -4.93 -10.50
CA ASN A 466 19.66 -3.74 -10.23
C ASN A 466 21.13 -3.91 -10.65
N GLY A 467 21.48 -5.07 -11.20
CA GLY A 467 22.80 -5.34 -11.72
C GLY A 467 23.90 -5.57 -10.72
N LYS A 468 23.55 -6.01 -9.50
CA LYS A 468 24.54 -6.36 -8.49
C LYS A 468 25.46 -7.46 -9.11
N GLY A 469 24.89 -8.30 -9.97
CA GLY A 469 25.62 -9.38 -10.65
C GLY A 469 26.25 -9.07 -11.99
N TYR A 470 26.01 -7.87 -12.53
CA TYR A 470 26.52 -7.41 -13.81
C TYR A 470 28.05 -7.44 -13.86
N ARG A 471 28.59 -8.10 -14.88
CA ARG A 471 30.03 -8.21 -15.10
C ARG A 471 30.42 -7.90 -16.56
N GLY A 472 29.61 -7.03 -17.19
CA GLY A 472 29.79 -6.59 -18.57
C GLY A 472 30.91 -5.60 -18.73
N LYS A 473 31.06 -5.07 -19.94
CA LYS A 473 32.19 -4.23 -20.29
C LYS A 473 31.89 -2.76 -20.58
N ARG A 474 30.75 -2.25 -20.07
CA ARG A 474 30.38 -0.84 -20.24
C ARG A 474 31.26 -0.02 -19.32
N ALA A 475 31.81 1.09 -19.84
CA ALA A 475 32.77 1.92 -19.11
C ALA A 475 32.43 3.41 -19.17
N THR A 476 31.20 3.73 -19.58
CA THR A 476 30.76 5.10 -19.77
C THR A 476 29.58 5.48 -18.90
N THR A 477 29.66 6.64 -18.25
CA THR A 477 28.60 7.19 -17.44
C THR A 477 27.49 7.73 -18.31
N VAL A 478 26.31 7.97 -17.71
CA VAL A 478 25.13 8.48 -18.39
C VAL A 478 25.36 9.82 -19.15
N THR A 479 26.37 10.61 -18.72
CA THR A 479 26.67 11.92 -19.32
C THR A 479 27.65 11.82 -20.50
N GLY A 480 28.33 10.69 -20.60
CA GLY A 480 29.35 10.45 -21.61
C GLY A 480 30.75 10.44 -21.02
N THR A 481 30.89 10.84 -19.73
CA THR A 481 32.17 10.85 -19.03
C THR A 481 32.65 9.41 -18.81
N PRO A 482 33.91 9.07 -19.19
CA PRO A 482 34.42 7.72 -18.90
C PRO A 482 34.56 7.48 -17.40
N CYS A 483 34.52 6.20 -17.04
CA CYS A 483 34.71 5.75 -15.67
C CYS A 483 36.18 5.88 -15.32
N GLN A 484 36.47 6.04 -14.01
CA GLN A 484 37.81 5.98 -13.47
C GLN A 484 38.08 4.51 -13.13
N ASP A 485 39.33 4.02 -13.34
CA ASP A 485 39.64 2.63 -12.97
C ASP A 485 39.41 2.46 -11.48
N TRP A 486 38.81 1.35 -11.09
CA TRP A 486 38.56 1.04 -9.67
C TRP A 486 39.86 1.01 -8.87
N ALA A 487 40.95 0.56 -9.50
CA ALA A 487 42.24 0.47 -8.83
C ALA A 487 42.92 1.83 -8.65
N ALA A 488 42.52 2.83 -9.44
CA ALA A 488 43.07 4.17 -9.44
C ALA A 488 42.55 5.02 -8.29
N GLN A 489 43.43 5.87 -7.77
CA GLN A 489 43.15 6.81 -6.68
C GLN A 489 43.24 8.25 -7.18
N GLU A 490 43.24 8.39 -8.49
CA GLU A 490 43.27 9.66 -9.20
C GLU A 490 42.37 9.52 -10.41
N PRO A 491 41.58 10.57 -10.76
CA PRO A 491 41.49 11.90 -10.13
C PRO A 491 40.85 11.88 -8.74
N HIS A 492 40.09 10.81 -8.45
CA HIS A 492 39.37 10.67 -7.20
C HIS A 492 39.93 9.63 -6.26
N ARG A 493 40.27 10.06 -5.05
CA ARG A 493 40.67 9.14 -3.99
C ARG A 493 39.39 8.49 -3.51
N HIS A 494 39.47 7.22 -3.14
CA HIS A 494 38.33 6.45 -2.62
C HIS A 494 38.79 5.37 -1.64
N SER A 495 38.42 5.52 -0.36
CA SER A 495 38.85 4.59 0.68
C SER A 495 38.07 3.28 0.61
N ILE A 496 36.92 3.30 -0.08
CA ILE A 496 36.04 2.15 -0.26
C ILE A 496 35.92 1.87 -1.74
N PHE A 497 35.36 0.71 -2.07
CA PHE A 497 35.16 0.27 -3.45
C PHE A 497 36.42 0.21 -4.27
N THR A 498 37.43 -0.43 -3.68
CA THR A 498 38.70 -0.73 -4.34
C THR A 498 38.66 -2.24 -4.60
N PRO A 499 39.50 -2.77 -5.51
CA PRO A 499 39.49 -4.22 -5.76
C PRO A 499 39.84 -5.05 -4.52
N GLU A 500 40.51 -4.44 -3.53
CA GLU A 500 40.91 -5.10 -2.29
C GLU A 500 39.81 -5.02 -1.25
N THR A 501 39.07 -3.90 -1.19
CA THR A 501 37.97 -3.76 -0.20
C THR A 501 36.79 -4.64 -0.59
N ASN A 502 36.48 -4.69 -1.91
CA ASN A 502 35.36 -5.47 -2.42
C ASN A 502 35.85 -6.47 -3.47
N PRO A 503 36.54 -7.54 -2.97
CA PRO A 503 37.11 -8.54 -3.89
C PRO A 503 36.13 -9.38 -4.68
N ARG A 504 34.85 -9.39 -4.29
CA ARG A 504 33.86 -10.21 -4.99
C ARG A 504 32.96 -9.40 -5.90
N ALA A 505 33.22 -8.09 -6.02
CA ALA A 505 32.39 -7.17 -6.79
C ALA A 505 32.74 -7.01 -8.27
N GLY A 506 33.84 -7.60 -8.69
CA GLY A 506 34.30 -7.56 -10.09
C GLY A 506 34.74 -6.19 -10.51
N LEU A 507 35.40 -5.48 -9.60
CA LEU A 507 35.91 -4.13 -9.80
C LEU A 507 37.18 -4.17 -10.62
N GLU A 508 37.03 -4.57 -11.88
CA GLU A 508 38.15 -4.69 -12.82
C GLU A 508 38.20 -3.53 -13.77
N LYS A 509 39.42 -2.99 -13.93
CA LYS A 509 39.68 -1.88 -14.83
C LYS A 509 38.78 -0.70 -14.41
N ASN A 510 37.91 -0.24 -15.34
CA ASN A 510 36.96 0.84 -15.12
C ASN A 510 35.54 0.44 -15.59
N TYR A 511 35.13 -0.80 -15.33
CA TYR A 511 33.80 -1.26 -15.72
C TYR A 511 32.74 -0.79 -14.75
N CYS A 512 31.58 -0.43 -15.29
CA CYS A 512 30.40 -0.04 -14.51
C CYS A 512 29.97 -1.20 -13.65
N ARG A 513 29.85 -0.98 -12.34
CA ARG A 513 29.48 -2.05 -11.42
C ARG A 513 28.48 -1.56 -10.38
N ASN A 514 27.72 -2.49 -9.80
CA ASN A 514 26.81 -2.17 -8.70
C ASN A 514 27.22 -2.99 -7.46
N PRO A 515 28.40 -2.68 -6.87
CA PRO A 515 28.88 -3.44 -5.69
C PRO A 515 28.00 -3.32 -4.47
N ASP A 516 27.26 -2.22 -4.35
CA ASP A 516 26.41 -1.99 -3.20
C ASP A 516 24.93 -2.22 -3.45
N GLY A 517 24.60 -2.80 -4.62
CA GLY A 517 23.21 -3.07 -5.00
C GLY A 517 22.35 -1.84 -4.81
N ASP A 518 22.86 -0.71 -5.28
CA ASP A 518 22.17 0.57 -5.24
C ASP A 518 20.92 0.47 -6.10
N VAL A 519 19.83 1.09 -5.66
CA VAL A 519 18.55 1.08 -6.37
C VAL A 519 18.69 1.61 -7.82
N GLY A 520 19.68 2.46 -8.04
CA GLY A 520 19.98 3.06 -9.33
C GLY A 520 20.76 2.23 -10.34
N GLY A 521 21.27 1.07 -9.94
CA GLY A 521 22.03 0.24 -10.86
C GLY A 521 23.53 0.55 -10.93
N PRO A 522 24.22 -0.10 -11.88
CA PRO A 522 25.67 0.08 -12.04
C PRO A 522 26.09 1.53 -12.17
N TRP A 523 27.25 1.82 -11.58
CA TRP A 523 27.84 3.14 -11.54
C TRP A 523 29.34 2.97 -11.53
N CYS A 524 30.04 4.09 -11.45
CA CYS A 524 31.50 4.08 -11.33
C CYS A 524 31.96 5.43 -10.87
N TYR A 525 33.22 5.52 -10.40
CA TYR A 525 33.84 6.80 -10.12
C TYR A 525 34.17 7.33 -11.52
N THR A 526 34.03 8.63 -11.73
CA THR A 526 34.20 9.23 -13.05
C THR A 526 35.52 9.95 -13.18
N THR A 527 36.02 10.11 -14.42
CA THR A 527 37.26 10.85 -14.63
C THR A 527 37.02 12.37 -14.57
N ASN A 528 35.75 12.82 -14.50
CA ASN A 528 35.44 14.24 -14.38
C ASN A 528 35.96 14.70 -13.01
N PRO A 529 36.91 15.64 -12.92
CA PRO A 529 37.41 16.03 -11.59
C PRO A 529 36.34 16.53 -10.65
N ARG A 530 35.29 17.16 -11.21
CA ARG A 530 34.16 17.74 -10.48
C ARG A 530 33.00 16.79 -10.19
N LYS A 531 33.06 15.55 -10.65
CA LYS A 531 31.98 14.60 -10.38
C LYS A 531 32.58 13.30 -9.93
N LEU A 532 32.38 12.95 -8.65
CA LEU A 532 32.94 11.76 -8.00
C LEU A 532 32.49 10.48 -8.65
N TYR A 533 31.18 10.33 -8.83
CA TYR A 533 30.63 9.11 -9.38
C TYR A 533 29.38 9.38 -10.16
N ASP A 534 28.98 8.40 -10.96
CA ASP A 534 27.76 8.53 -11.73
C ASP A 534 27.31 7.18 -12.23
N TYR A 535 26.03 7.11 -12.60
CA TYR A 535 25.45 5.89 -13.12
C TYR A 535 25.89 5.66 -14.54
N CYS A 536 25.82 4.39 -14.94
CA CYS A 536 26.03 3.98 -16.31
C CYS A 536 24.71 3.48 -16.79
N ASP A 537 24.45 3.64 -18.08
CA ASP A 537 23.22 3.15 -18.68
C ASP A 537 23.43 1.72 -19.17
N VAL A 538 23.07 0.75 -18.30
CA VAL A 538 23.18 -0.66 -18.60
C VAL A 538 21.76 -1.18 -18.82
N PRO A 539 21.47 -1.64 -20.05
CA PRO A 539 20.11 -2.10 -20.32
C PRO A 539 19.78 -3.40 -19.63
N GLN A 540 18.50 -3.55 -19.32
CA GLN A 540 17.95 -4.77 -18.76
C GLN A 540 17.95 -5.81 -19.87
N CYS A 541 18.37 -7.05 -19.59
CA CYS A 541 18.37 -8.10 -20.60
C CYS A 541 16.97 -8.36 -21.15
N ALA A 542 16.93 -8.56 -22.47
CA ALA A 542 15.76 -8.74 -23.31
C ALA A 542 14.71 -9.82 -22.96
N ALA A 543 15.12 -11.07 -22.63
CA ALA A 543 14.29 -12.28 -22.39
C ALA A 543 14.01 -12.97 -23.73
N PRO A 544 13.93 -14.33 -23.75
CA PRO A 544 13.79 -15.05 -25.04
C PRO A 544 12.63 -14.65 -25.94
N SER A 545 11.37 -14.81 -25.47
CA SER A 545 10.16 -14.47 -26.23
C SER A 545 9.00 -14.11 -25.30
N PHE A 546 7.73 -14.43 -25.67
CA PHE A 546 6.52 -14.13 -24.90
C PHE A 546 6.48 -14.73 -23.50
N ASP A 547 6.49 -13.87 -22.45
CA ASP A 547 6.42 -14.27 -21.05
C ASP A 547 4.97 -14.35 -20.65
N CYS A 548 4.66 -15.18 -19.65
CA CYS A 548 3.29 -15.28 -19.17
C CYS A 548 2.79 -13.93 -18.63
N GLY A 549 1.49 -13.73 -18.68
CA GLY A 549 0.87 -12.53 -18.11
C GLY A 549 1.26 -11.18 -18.69
N LYS A 550 1.94 -11.14 -19.84
CA LYS A 550 2.31 -9.87 -20.42
C LYS A 550 1.61 -9.64 -21.75
N PRO A 551 0.35 -9.14 -21.74
CA PRO A 551 -0.35 -8.89 -23.01
C PRO A 551 0.45 -8.03 -23.99
N GLN A 552 0.30 -8.29 -25.29
CA GLN A 552 0.99 -7.56 -26.37
C GLN A 552 0.15 -6.37 -26.84
N VAL A 553 -1.08 -6.28 -26.32
CA VAL A 553 -2.04 -5.21 -26.55
C VAL A 553 -2.39 -4.71 -25.16
N GLU A 554 -2.27 -3.40 -24.96
CA GLU A 554 -2.51 -2.79 -23.66
C GLU A 554 -3.97 -2.92 -23.22
N PRO A 555 -4.29 -3.63 -22.12
CA PRO A 555 -5.70 -3.69 -21.68
C PRO A 555 -6.18 -2.27 -21.44
N LYS A 556 -7.45 -1.98 -21.77
CA LYS A 556 -7.94 -0.61 -21.57
C LYS A 556 -8.12 -0.32 -20.09
N LYS A 557 -8.23 -1.38 -19.29
CA LYS A 557 -8.38 -1.33 -17.84
C LYS A 557 -9.61 -0.54 -17.44
N CYS A 558 -10.80 -1.08 -17.78
CA CYS A 558 -12.12 -0.53 -17.47
C CYS A 558 -12.18 0.03 -16.05
N PRO A 559 -12.51 1.31 -15.86
CA PRO A 559 -12.60 1.87 -14.49
C PRO A 559 -13.70 1.18 -13.68
N GLY A 560 -13.51 1.15 -12.37
CA GLY A 560 -14.41 0.53 -11.42
C GLY A 560 -15.89 0.81 -11.59
N ARG A 561 -16.28 2.08 -11.39
CA ARG A 561 -17.67 2.53 -11.44
C ARG A 561 -18.38 2.52 -12.80
N VAL A 562 -18.34 1.36 -13.48
CA VAL A 562 -19.01 1.13 -14.76
C VAL A 562 -19.80 -0.17 -14.63
N VAL A 563 -21.12 -0.08 -14.89
CA VAL A 563 -22.04 -1.22 -14.83
C VAL A 563 -21.83 -2.07 -16.08
N GLY A 564 -21.64 -3.38 -15.88
CA GLY A 564 -21.42 -4.33 -16.96
C GLY A 564 -19.99 -4.36 -17.50
N GLY A 565 -19.15 -3.45 -16.99
CA GLY A 565 -17.76 -3.35 -17.39
C GLY A 565 -17.58 -2.73 -18.75
N CYS A 566 -16.54 -3.14 -19.48
CA CYS A 566 -16.25 -2.60 -20.81
C CYS A 566 -15.99 -3.72 -21.78
N VAL A 567 -15.91 -3.36 -23.07
CA VAL A 567 -15.50 -4.31 -24.10
C VAL A 567 -13.97 -4.28 -23.98
N ALA A 568 -13.33 -5.45 -23.96
CA ALA A 568 -11.88 -5.49 -23.85
C ALA A 568 -11.25 -4.98 -25.11
N HIS A 569 -10.02 -4.44 -25.00
CA HIS A 569 -9.27 -4.05 -26.16
C HIS A 569 -8.98 -5.40 -26.77
N PRO A 570 -9.29 -5.62 -28.06
CA PRO A 570 -9.06 -6.95 -28.64
C PRO A 570 -7.68 -7.50 -28.34
N HIS A 571 -7.64 -8.78 -27.91
CA HIS A 571 -6.43 -9.54 -27.58
C HIS A 571 -5.56 -8.96 -26.47
N SER A 572 -6.18 -8.17 -25.59
CA SER A 572 -5.44 -7.59 -24.47
C SER A 572 -5.43 -8.58 -23.31
N TRP A 573 -6.22 -9.68 -23.43
CA TRP A 573 -6.27 -10.76 -22.45
C TRP A 573 -6.00 -12.07 -23.23
N PRO A 574 -4.73 -12.28 -23.68
CA PRO A 574 -4.40 -13.45 -24.52
C PRO A 574 -4.45 -14.86 -23.94
N TRP A 575 -4.66 -14.98 -22.62
CA TRP A 575 -4.79 -16.27 -21.94
C TRP A 575 -6.27 -16.61 -21.87
N GLN A 576 -7.15 -15.67 -22.27
CA GLN A 576 -8.59 -15.87 -22.24
C GLN A 576 -8.99 -16.99 -23.21
N VAL A 577 -9.56 -18.06 -22.66
CA VAL A 577 -10.03 -19.18 -23.46
C VAL A 577 -11.55 -19.17 -23.46
N SER A 578 -12.12 -19.69 -24.53
CA SER A 578 -13.54 -19.88 -24.68
C SER A 578 -13.74 -21.39 -24.74
N LEU A 579 -14.45 -21.97 -23.77
CA LEU A 579 -14.73 -23.39 -23.78
C LEU A 579 -15.96 -23.56 -24.62
N ARG A 580 -15.94 -24.52 -25.53
CA ARG A 580 -17.06 -24.75 -26.40
C ARG A 580 -17.42 -26.21 -26.48
N THR A 581 -18.68 -26.45 -26.84
CA THR A 581 -19.21 -27.78 -27.09
C THR A 581 -18.65 -28.14 -28.46
N ARG A 582 -18.97 -29.35 -28.94
CA ARG A 582 -18.58 -29.82 -30.27
C ARG A 582 -19.42 -29.09 -31.34
N PHE A 583 -20.41 -28.26 -30.92
CA PHE A 583 -21.22 -27.52 -31.87
C PHE A 583 -21.09 -26.00 -31.86
N GLY A 584 -19.86 -25.51 -31.73
CA GLY A 584 -19.52 -24.10 -31.76
C GLY A 584 -20.15 -23.22 -30.67
N MET A 585 -20.70 -23.84 -29.64
CA MET A 585 -21.35 -23.12 -28.55
C MET A 585 -20.42 -22.71 -27.41
N HIS A 586 -20.22 -21.37 -27.21
CA HIS A 586 -19.41 -20.86 -26.11
C HIS A 586 -20.27 -21.00 -24.85
N PHE A 587 -19.76 -21.69 -23.83
CA PHE A 587 -20.54 -21.86 -22.61
C PHE A 587 -19.72 -21.66 -21.36
N CYS A 588 -18.42 -21.41 -21.52
CA CYS A 588 -17.50 -21.28 -20.40
C CYS A 588 -16.25 -20.53 -20.79
N GLY A 589 -15.59 -20.01 -19.77
CA GLY A 589 -14.30 -19.37 -19.91
C GLY A 589 -13.26 -20.31 -19.33
N GLY A 590 -12.02 -19.97 -19.54
CA GLY A 590 -10.90 -20.74 -19.02
C GLY A 590 -9.67 -19.87 -19.09
N THR A 591 -8.55 -20.33 -18.56
CA THR A 591 -7.32 -19.55 -18.64
C THR A 591 -6.21 -20.45 -19.16
N LEU A 592 -5.53 -20.02 -20.22
CA LEU A 592 -4.39 -20.76 -20.75
C LEU A 592 -3.28 -20.60 -19.70
N ILE A 593 -2.74 -21.71 -19.15
CA ILE A 593 -1.70 -21.62 -18.12
C ILE A 593 -0.32 -21.97 -18.65
N SER A 594 -0.29 -22.61 -19.82
CA SER A 594 0.91 -23.10 -20.48
C SER A 594 0.43 -23.48 -21.87
N PRO A 595 1.28 -23.88 -22.83
CA PRO A 595 0.72 -24.24 -24.15
C PRO A 595 -0.20 -25.45 -24.25
N GLU A 596 -0.18 -26.42 -23.30
CA GLU A 596 -1.04 -27.62 -23.37
C GLU A 596 -2.04 -27.69 -22.23
N TRP A 597 -2.18 -26.61 -21.44
CA TRP A 597 -3.06 -26.63 -20.27
C TRP A 597 -3.91 -25.40 -20.05
N VAL A 598 -5.21 -25.62 -19.79
CA VAL A 598 -6.18 -24.56 -19.52
C VAL A 598 -6.80 -24.83 -18.17
N LEU A 599 -6.98 -23.78 -17.36
CA LEU A 599 -7.62 -23.89 -16.05
C LEU A 599 -9.02 -23.32 -16.18
N THR A 600 -10.00 -24.04 -15.66
CA THR A 600 -11.40 -23.63 -15.73
C THR A 600 -12.12 -24.10 -14.45
N ALA A 601 -13.42 -23.80 -14.35
CA ALA A 601 -14.22 -24.24 -13.23
C ALA A 601 -14.70 -25.66 -13.50
N ALA A 602 -14.75 -26.50 -12.44
CA ALA A 602 -15.21 -27.89 -12.56
C ALA A 602 -16.64 -27.92 -13.06
N HIS A 603 -17.41 -26.85 -12.74
CA HIS A 603 -18.79 -26.70 -13.15
C HIS A 603 -18.95 -26.77 -14.66
N CYS A 604 -17.93 -26.30 -15.40
CA CYS A 604 -17.90 -26.30 -16.85
C CYS A 604 -17.94 -27.69 -17.45
N LEU A 605 -17.48 -28.68 -16.67
CA LEU A 605 -17.41 -30.07 -17.10
C LEU A 605 -18.60 -30.94 -16.73
N GLU A 606 -19.61 -30.34 -16.10
CA GLU A 606 -20.79 -31.05 -15.63
C GLU A 606 -21.58 -31.77 -16.69
N LYS A 607 -21.74 -31.14 -17.85
CA LYS A 607 -22.50 -31.72 -18.96
C LYS A 607 -21.91 -33.03 -19.45
N SER A 608 -20.59 -33.05 -19.73
CA SER A 608 -19.97 -34.28 -20.24
C SER A 608 -18.67 -34.67 -19.56
N PRO A 609 -18.47 -35.97 -19.32
CA PRO A 609 -17.18 -36.41 -18.76
C PRO A 609 -16.14 -36.74 -19.85
N ARG A 610 -16.53 -36.56 -21.13
CA ARG A 610 -15.67 -36.88 -22.27
C ARG A 610 -14.79 -35.70 -22.69
N PRO A 611 -13.45 -35.84 -22.62
CA PRO A 611 -12.58 -34.75 -23.08
C PRO A 611 -12.93 -34.27 -24.50
N SER A 612 -13.27 -35.21 -25.39
CA SER A 612 -13.64 -34.97 -26.78
C SER A 612 -14.84 -34.01 -26.98
N SER A 613 -15.71 -33.91 -25.98
CA SER A 613 -16.90 -33.05 -26.01
C SER A 613 -16.55 -31.57 -25.90
N TYR A 614 -15.27 -31.26 -25.63
CA TYR A 614 -14.83 -29.89 -25.42
C TYR A 614 -13.85 -29.33 -26.42
N LYS A 615 -14.11 -28.08 -26.84
CA LYS A 615 -13.25 -27.34 -27.75
C LYS A 615 -12.81 -26.07 -27.07
N VAL A 616 -11.50 -25.88 -27.03
CA VAL A 616 -10.89 -24.72 -26.44
C VAL A 616 -10.52 -23.75 -27.57
N ILE A 617 -11.15 -22.58 -27.60
CA ILE A 617 -10.81 -21.61 -28.63
C ILE A 617 -9.94 -20.52 -28.03
N LEU A 618 -8.80 -20.29 -28.70
CA LEU A 618 -7.75 -19.35 -28.26
C LEU A 618 -7.54 -18.15 -29.14
N GLY A 619 -7.27 -17.01 -28.49
CA GLY A 619 -7.01 -15.74 -29.15
C GLY A 619 -8.23 -15.05 -29.71
N ALA A 620 -9.43 -15.45 -29.28
CA ALA A 620 -10.64 -14.82 -29.79
C ALA A 620 -11.03 -13.51 -29.11
N HIS A 621 -11.88 -12.76 -29.78
CA HIS A 621 -12.43 -11.55 -29.24
C HIS A 621 -13.90 -11.65 -29.49
N GLN A 622 -14.26 -12.01 -30.73
CA GLN A 622 -15.64 -12.24 -31.14
C GLN A 622 -16.05 -13.58 -30.53
N GLU A 623 -17.31 -13.69 -30.14
CA GLU A 623 -17.82 -14.90 -29.54
C GLU A 623 -18.33 -15.81 -30.63
N VAL A 624 -19.01 -15.24 -31.63
CA VAL A 624 -19.57 -16.04 -32.70
C VAL A 624 -18.72 -16.04 -33.96
N ASN A 625 -18.55 -14.86 -34.57
CA ASN A 625 -17.80 -14.74 -35.82
C ASN A 625 -16.31 -14.66 -35.54
N LEU A 626 -15.70 -15.81 -35.26
CA LEU A 626 -14.28 -15.86 -34.96
C LEU A 626 -13.38 -15.30 -36.07
N GLU A 627 -12.37 -14.48 -35.67
CA GLU A 627 -11.37 -13.90 -36.56
C GLU A 627 -10.57 -15.05 -37.19
N PRO A 628 -10.06 -14.89 -38.42
CA PRO A 628 -9.33 -16.01 -39.07
C PRO A 628 -8.17 -16.63 -38.32
N HIS A 629 -7.59 -15.92 -37.34
CA HIS A 629 -6.41 -16.39 -36.60
C HIS A 629 -6.71 -17.26 -35.37
N VAL A 630 -7.97 -17.28 -34.90
CA VAL A 630 -8.37 -18.02 -33.70
C VAL A 630 -7.95 -19.49 -33.81
N GLN A 631 -7.40 -20.03 -32.71
CA GLN A 631 -6.99 -21.42 -32.65
C GLN A 631 -8.10 -22.20 -31.98
N GLU A 632 -8.48 -23.34 -32.55
CA GLU A 632 -9.51 -24.21 -32.00
C GLU A 632 -8.85 -25.53 -31.69
N ILE A 633 -8.75 -25.89 -30.40
CA ILE A 633 -8.07 -27.13 -29.97
C ILE A 633 -8.96 -28.03 -29.11
N GLU A 634 -9.02 -29.34 -29.42
CA GLU A 634 -9.82 -30.28 -28.65
C GLU A 634 -9.15 -30.66 -27.33
N VAL A 635 -9.96 -30.89 -26.30
CA VAL A 635 -9.39 -31.33 -25.04
C VAL A 635 -9.14 -32.83 -25.12
N SER A 636 -7.96 -33.28 -24.67
CA SER A 636 -7.64 -34.70 -24.65
C SER A 636 -7.78 -35.25 -23.23
N ARG A 637 -7.64 -34.38 -22.22
CA ARG A 637 -7.74 -34.82 -20.83
C ARG A 637 -8.49 -33.87 -19.94
N LEU A 638 -9.15 -34.43 -18.92
CA LEU A 638 -9.92 -33.68 -17.93
C LEU A 638 -9.43 -34.11 -16.53
N PHE A 639 -8.79 -33.18 -15.78
CA PHE A 639 -8.33 -33.47 -14.42
C PHE A 639 -9.08 -32.61 -13.45
N LEU A 640 -9.89 -33.24 -12.60
CA LEU A 640 -10.66 -32.52 -11.61
C LEU A 640 -9.85 -32.40 -10.34
N GLU A 641 -9.77 -31.19 -9.79
CA GLU A 641 -9.07 -30.96 -8.54
C GLU A 641 -9.81 -31.79 -7.50
N PRO A 642 -9.11 -32.77 -6.90
CA PRO A 642 -9.75 -33.73 -5.99
C PRO A 642 -10.21 -33.22 -4.63
N THR A 643 -9.39 -32.42 -3.94
CA THR A 643 -9.73 -31.91 -2.61
C THR A 643 -11.03 -31.09 -2.55
N ARG A 644 -11.22 -30.18 -3.52
CA ARG A 644 -12.39 -29.29 -3.58
C ARG A 644 -13.31 -29.58 -4.75
N LYS A 645 -12.73 -30.12 -5.83
CA LYS A 645 -13.46 -30.44 -7.07
C LYS A 645 -14.14 -29.18 -7.62
N ASP A 646 -13.54 -28.00 -7.39
CA ASP A 646 -14.12 -26.75 -7.84
C ASP A 646 -13.51 -26.19 -9.11
N ILE A 647 -12.38 -26.75 -9.51
CA ILE A 647 -11.68 -26.31 -10.70
C ILE A 647 -11.18 -27.54 -11.39
N ALA A 648 -10.83 -27.41 -12.67
CA ALA A 648 -10.32 -28.54 -13.44
C ALA A 648 -9.32 -28.10 -14.48
N LEU A 649 -8.34 -28.96 -14.76
CA LEU A 649 -7.34 -28.69 -15.78
C LEU A 649 -7.72 -29.39 -17.06
N LEU A 650 -7.60 -28.68 -18.17
CA LEU A 650 -7.89 -29.26 -19.47
C LEU A 650 -6.58 -29.40 -20.23
N LYS A 651 -6.19 -30.63 -20.57
CA LYS A 651 -4.99 -30.77 -21.42
C LYS A 651 -5.47 -30.67 -22.87
N LEU A 652 -4.77 -29.86 -23.67
CA LEU A 652 -5.14 -29.69 -25.08
C LEU A 652 -4.57 -30.81 -25.93
N SER A 653 -5.34 -31.26 -26.94
CA SER A 653 -4.96 -32.32 -27.89
C SER A 653 -3.55 -32.08 -28.44
N SER A 654 -3.26 -30.82 -28.77
CA SER A 654 -1.99 -30.37 -29.28
C SER A 654 -1.59 -29.08 -28.55
N PRO A 655 -0.30 -28.78 -28.39
CA PRO A 655 0.08 -27.52 -27.73
C PRO A 655 -0.39 -26.30 -28.54
N ALA A 656 -0.84 -25.25 -27.82
CA ALA A 656 -1.28 -24.00 -28.44
C ALA A 656 -0.10 -23.24 -28.99
N VAL A 657 -0.29 -22.58 -30.12
CA VAL A 657 0.77 -21.80 -30.72
C VAL A 657 0.79 -20.45 -30.02
N ILE A 658 1.90 -20.14 -29.36
CA ILE A 658 2.04 -18.89 -28.63
C ILE A 658 2.35 -17.75 -29.56
N THR A 659 1.45 -16.77 -29.59
CA THR A 659 1.58 -15.60 -30.46
C THR A 659 1.34 -14.36 -29.61
N ASP A 660 1.24 -13.21 -30.27
CA ASP A 660 0.90 -11.96 -29.60
C ASP A 660 -0.57 -11.93 -29.17
N LYS A 661 -1.38 -12.90 -29.63
CA LYS A 661 -2.81 -12.94 -29.27
C LYS A 661 -3.15 -14.13 -28.37
N VAL A 662 -2.19 -15.05 -28.21
CA VAL A 662 -2.34 -16.25 -27.41
C VAL A 662 -1.10 -16.37 -26.54
N ILE A 663 -1.23 -15.96 -25.29
CA ILE A 663 -0.16 -15.97 -24.28
C ILE A 663 -0.76 -16.45 -22.97
N PRO A 664 -0.10 -17.38 -22.24
CA PRO A 664 -0.68 -17.85 -20.99
C PRO A 664 -0.58 -16.80 -19.88
N ALA A 665 -1.43 -16.96 -18.86
CA ALA A 665 -1.42 -16.09 -17.70
C ALA A 665 -0.41 -16.66 -16.73
N CYS A 666 0.19 -15.79 -15.89
CA CYS A 666 1.12 -16.29 -14.89
C CYS A 666 0.31 -16.87 -13.76
N LEU A 667 0.92 -17.82 -13.05
CA LEU A 667 0.38 -18.48 -11.90
C LEU A 667 1.02 -17.86 -10.67
N PRO A 668 0.26 -17.68 -9.58
CA PRO A 668 0.87 -17.08 -8.40
C PRO A 668 1.73 -18.10 -7.66
N SER A 669 2.54 -17.62 -6.71
CA SER A 669 3.36 -18.47 -5.88
C SER A 669 2.40 -19.16 -4.87
N PRO A 670 2.65 -20.46 -4.58
CA PRO A 670 1.79 -21.18 -3.65
C PRO A 670 1.37 -20.40 -2.41
N ASN A 671 0.05 -20.37 -2.15
CA ASN A 671 -0.55 -19.72 -1.00
C ASN A 671 -0.48 -18.20 -1.00
N TYR A 672 0.04 -17.56 -2.08
CA TYR A 672 0.06 -16.10 -2.15
C TYR A 672 -1.33 -15.61 -1.84
N VAL A 673 -1.43 -14.57 -1.02
CA VAL A 673 -2.73 -14.00 -0.69
C VAL A 673 -2.73 -12.59 -1.23
N VAL A 674 -3.59 -12.34 -2.23
CA VAL A 674 -3.72 -11.02 -2.85
C VAL A 674 -4.09 -10.03 -1.75
N ALA A 675 -3.41 -8.89 -1.68
CA ALA A 675 -3.66 -7.87 -0.67
C ALA A 675 -5.04 -7.22 -0.82
N ASP A 676 -5.65 -6.86 0.31
CA ASP A 676 -6.95 -6.20 0.30
C ASP A 676 -6.87 -4.97 -0.63
N ARG A 677 -7.94 -4.70 -1.39
CA ARG A 677 -8.03 -3.57 -2.30
C ARG A 677 -7.20 -3.65 -3.59
N THR A 678 -6.49 -4.77 -3.80
CA THR A 678 -5.73 -4.97 -5.04
C THR A 678 -6.72 -4.93 -6.19
N GLU A 679 -6.43 -4.13 -7.20
CA GLU A 679 -7.33 -4.05 -8.34
C GLU A 679 -7.08 -5.23 -9.29
N CYS A 680 -8.15 -5.93 -9.64
CA CYS A 680 -8.09 -7.09 -10.53
C CYS A 680 -9.14 -6.94 -11.60
N PHE A 681 -9.02 -7.74 -12.66
CA PHE A 681 -10.00 -7.72 -13.73
C PHE A 681 -10.54 -9.09 -13.93
N ILE A 682 -11.84 -9.18 -14.11
CA ILE A 682 -12.47 -10.43 -14.46
C ILE A 682 -12.81 -10.28 -15.95
N THR A 683 -12.48 -11.27 -16.77
CA THR A 683 -12.76 -11.20 -18.20
C THR A 683 -13.67 -12.33 -18.66
N GLY A 684 -14.37 -12.13 -19.77
CA GLY A 684 -15.26 -13.18 -20.29
C GLY A 684 -16.32 -12.68 -21.24
N TRP A 685 -17.09 -13.59 -21.86
CA TRP A 685 -18.15 -13.20 -22.79
C TRP A 685 -19.54 -13.15 -22.11
N GLY A 686 -19.99 -11.95 -21.76
CA GLY A 686 -21.27 -11.72 -21.09
C GLY A 686 -22.48 -12.23 -21.86
N GLU A 687 -23.35 -13.00 -21.16
CA GLU A 687 -24.57 -13.61 -21.72
C GLU A 687 -25.81 -12.67 -21.63
N THR A 688 -25.57 -11.36 -21.41
CA THR A 688 -26.58 -10.30 -21.27
C THR A 688 -27.21 -9.90 -22.61
N GLN A 689 -28.56 -10.01 -22.69
CA GLN A 689 -29.34 -9.72 -23.90
C GLN A 689 -29.44 -8.24 -24.34
N GLY A 690 -30.10 -7.37 -23.54
CA GLY A 690 -30.34 -5.96 -23.86
C GLY A 690 -29.24 -5.02 -23.40
N THR A 691 -28.06 -5.08 -24.05
CA THR A 691 -26.89 -4.22 -23.76
C THR A 691 -25.89 -4.20 -24.93
N PHE A 692 -25.05 -3.15 -24.99
CA PHE A 692 -24.00 -3.00 -25.99
C PHE A 692 -22.76 -3.78 -25.58
N GLY A 693 -22.15 -4.46 -26.55
CA GLY A 693 -20.96 -5.28 -26.34
C GLY A 693 -21.27 -6.78 -26.31
N ALA A 694 -22.42 -7.16 -26.89
CA ALA A 694 -22.89 -8.55 -26.98
C ALA A 694 -22.04 -9.35 -27.96
N GLY A 695 -21.53 -10.49 -27.50
CA GLY A 695 -20.64 -11.33 -28.30
C GLY A 695 -19.22 -10.83 -28.36
N LEU A 696 -18.85 -9.92 -27.44
CA LEU A 696 -17.51 -9.36 -27.35
C LEU A 696 -16.91 -9.62 -25.99
N LEU A 697 -15.61 -9.95 -25.97
CA LEU A 697 -14.87 -10.20 -24.76
C LEU A 697 -14.95 -8.94 -23.92
N LYS A 698 -15.44 -9.07 -22.69
CA LYS A 698 -15.58 -7.94 -21.79
C LYS A 698 -14.67 -8.10 -20.58
N GLU A 699 -14.47 -7.02 -19.85
CA GLU A 699 -13.66 -7.00 -18.64
C GLU A 699 -14.33 -6.10 -17.63
N ALA A 700 -14.11 -6.39 -16.35
CA ALA A 700 -14.65 -5.56 -15.28
C ALA A 700 -13.58 -5.50 -14.21
N GLN A 701 -13.29 -4.29 -13.72
CA GLN A 701 -12.30 -4.10 -12.69
C GLN A 701 -12.95 -4.34 -11.34
N LEU A 702 -12.36 -5.24 -10.54
CA LEU A 702 -12.86 -5.56 -9.21
C LEU A 702 -11.75 -5.44 -8.18
N PRO A 703 -11.98 -4.77 -7.04
CA PRO A 703 -10.93 -4.75 -6.02
C PRO A 703 -11.08 -6.02 -5.19
N VAL A 704 -9.97 -6.58 -4.71
CA VAL A 704 -10.00 -7.77 -3.87
C VAL A 704 -10.47 -7.39 -2.48
N ILE A 705 -11.34 -8.20 -1.89
CA ILE A 705 -11.81 -7.95 -0.54
C ILE A 705 -11.19 -9.02 0.31
N GLU A 706 -10.26 -8.64 1.19
CA GLU A 706 -9.61 -9.60 2.06
C GLU A 706 -10.65 -10.46 2.80
N ASN A 707 -10.36 -11.77 2.94
CA ASN A 707 -11.23 -12.76 3.56
C ASN A 707 -11.76 -12.37 4.94
N LYS A 708 -10.92 -11.78 5.81
CA LYS A 708 -11.39 -11.37 7.13
C LYS A 708 -12.54 -10.37 7.01
N VAL A 709 -12.43 -9.44 6.07
CA VAL A 709 -13.47 -8.43 5.86
C VAL A 709 -14.67 -9.03 5.13
N CYS A 710 -14.39 -9.83 4.09
CA CYS A 710 -15.41 -10.48 3.28
C CYS A 710 -16.32 -11.39 4.14
N ASN A 711 -15.73 -11.99 5.20
CA ASN A 711 -16.37 -12.91 6.14
C ASN A 711 -17.20 -12.31 7.27
N ARG A 712 -17.15 -10.98 7.46
CA ARG A 712 -17.92 -10.31 8.53
C ARG A 712 -19.44 -10.53 8.37
N TYR A 713 -20.22 -10.36 9.47
CA TYR A 713 -21.68 -10.57 9.48
C TYR A 713 -22.42 -9.90 8.32
N GLU A 714 -22.16 -8.60 8.11
CA GLU A 714 -22.79 -7.77 7.07
C GLU A 714 -22.70 -8.31 5.64
N PHE A 715 -21.76 -9.22 5.35
CA PHE A 715 -21.56 -9.72 3.99
C PHE A 715 -21.74 -11.23 3.81
N LEU A 716 -20.74 -12.04 4.22
CA LEU A 716 -20.77 -13.50 4.08
C LEU A 716 -20.34 -14.14 5.41
N ASN A 717 -21.22 -14.05 6.43
CA ASN A 717 -21.02 -14.53 7.81
C ASN A 717 -20.35 -15.91 7.96
N GLY A 718 -19.01 -15.89 7.96
CA GLY A 718 -18.14 -17.07 8.09
C GLY A 718 -18.28 -18.13 7.03
N ARG A 719 -18.82 -17.76 5.85
CA ARG A 719 -19.09 -18.68 4.72
C ARG A 719 -17.97 -18.82 3.68
N VAL A 720 -16.85 -18.12 3.90
CA VAL A 720 -15.71 -18.14 2.96
C VAL A 720 -14.48 -18.85 3.54
N GLN A 721 -14.03 -19.92 2.84
CA GLN A 721 -12.82 -20.66 3.20
C GLN A 721 -11.62 -20.09 2.44
N SER A 722 -10.42 -20.38 2.94
CA SER A 722 -9.13 -19.91 2.46
C SER A 722 -8.79 -20.33 1.06
N THR A 723 -9.39 -21.42 0.59
CA THR A 723 -9.18 -21.90 -0.77
C THR A 723 -10.01 -21.04 -1.73
N GLU A 724 -10.50 -19.93 -1.21
CA GLU A 724 -11.33 -19.01 -1.95
C GLU A 724 -10.88 -17.59 -1.69
N LEU A 725 -11.37 -16.64 -2.51
CA LEU A 725 -11.01 -15.24 -2.44
C LEU A 725 -12.22 -14.41 -2.85
N CYS A 726 -12.32 -13.16 -2.34
CA CYS A 726 -13.43 -12.27 -2.69
C CYS A 726 -12.96 -11.12 -3.53
N ALA A 727 -13.84 -10.64 -4.41
CA ALA A 727 -13.55 -9.53 -5.29
C ALA A 727 -14.84 -8.83 -5.68
N GLY A 728 -14.83 -7.52 -5.57
CA GLY A 728 -16.01 -6.71 -5.90
C GLY A 728 -16.36 -5.78 -4.76
N HIS A 729 -17.17 -4.76 -5.10
CA HIS A 729 -17.64 -3.67 -4.23
C HIS A 729 -18.56 -4.09 -3.09
N LEU A 730 -18.57 -3.29 -2.00
CA LEU A 730 -19.38 -3.49 -0.80
C LEU A 730 -20.42 -2.38 -0.65
N ALA A 731 -20.51 -1.47 -1.64
CA ALA A 731 -21.46 -0.38 -1.63
C ALA A 731 -22.26 -0.33 -2.94
N GLY A 732 -23.32 -1.13 -2.99
CA GLY A 732 -24.26 -1.29 -4.09
C GLY A 732 -23.70 -1.06 -5.48
N GLY A 733 -22.68 -1.83 -5.85
CA GLY A 733 -22.01 -1.73 -7.14
C GLY A 733 -22.77 -2.41 -8.27
N THR A 734 -22.92 -3.74 -8.16
CA THR A 734 -23.60 -4.59 -9.14
C THR A 734 -24.53 -5.63 -8.48
N ASP A 735 -25.22 -6.47 -9.29
CA ASP A 735 -26.14 -7.52 -8.80
C ASP A 735 -26.23 -8.75 -9.74
N SER A 736 -25.30 -8.88 -10.69
CA SER A 736 -25.27 -10.00 -11.65
C SER A 736 -24.03 -10.88 -11.51
N CYS A 737 -23.73 -11.71 -12.53
CA CYS A 737 -22.58 -12.60 -12.55
C CYS A 737 -21.62 -12.19 -13.67
N GLN A 738 -20.42 -11.72 -13.30
CA GLN A 738 -19.41 -11.25 -14.27
C GLN A 738 -18.56 -12.38 -14.88
N GLY A 739 -18.01 -12.11 -16.06
CA GLY A 739 -17.19 -13.03 -16.85
C GLY A 739 -17.95 -14.26 -17.27
N ASP A 740 -17.27 -15.41 -17.31
CA ASP A 740 -17.90 -16.70 -17.62
C ASP A 740 -17.53 -17.66 -16.55
N SER A 741 -18.35 -18.70 -16.38
CA SER A 741 -18.03 -19.76 -15.44
C SER A 741 -16.67 -20.31 -15.90
N GLY A 742 -15.71 -20.39 -14.98
CA GLY A 742 -14.37 -20.84 -15.32
C GLY A 742 -13.45 -19.76 -15.86
N GLY A 743 -13.97 -18.55 -16.05
CA GLY A 743 -13.18 -17.43 -16.57
C GLY A 743 -12.11 -16.91 -15.62
N PRO A 744 -11.13 -16.14 -16.15
CA PRO A 744 -10.05 -15.62 -15.29
C PRO A 744 -10.36 -14.43 -14.41
N LEU A 745 -9.65 -14.35 -13.29
CA LEU A 745 -9.62 -13.23 -12.38
C LEU A 745 -8.14 -12.98 -12.26
N VAL A 746 -7.65 -12.00 -13.00
CA VAL A 746 -6.24 -11.63 -13.05
C VAL A 746 -5.99 -10.33 -12.30
N CYS A 747 -4.81 -10.22 -11.66
CA CYS A 747 -4.40 -9.03 -10.91
C CYS A 747 -3.00 -8.64 -11.32
N PHE A 748 -2.87 -7.43 -11.80
CA PHE A 748 -1.57 -6.92 -12.21
C PHE A 748 -0.67 -6.81 -11.03
N GLU A 749 0.57 -7.20 -11.21
CA GLU A 749 1.57 -7.16 -10.17
C GLU A 749 2.91 -6.86 -10.81
N LYS A 750 3.41 -5.67 -10.48
CA LYS A 750 4.64 -5.07 -10.98
C LYS A 750 4.68 -5.00 -12.49
N ASP A 751 5.10 -6.09 -13.15
CA ASP A 751 5.30 -6.19 -14.59
C ASP A 751 4.22 -6.99 -15.32
N LYS A 752 3.50 -7.87 -14.60
CA LYS A 752 2.54 -8.74 -15.25
C LYS A 752 1.26 -9.09 -14.52
N TYR A 753 0.36 -9.72 -15.27
CA TYR A 753 -0.91 -10.19 -14.75
C TYR A 753 -0.76 -11.58 -14.26
N ILE A 754 -1.27 -11.78 -13.06
CA ILE A 754 -1.25 -13.08 -12.44
C ILE A 754 -2.69 -13.56 -12.28
N LEU A 755 -2.95 -14.83 -12.63
CA LEU A 755 -4.28 -15.43 -12.46
C LEU A 755 -4.46 -15.72 -10.96
N GLN A 756 -5.22 -14.88 -10.26
CA GLN A 756 -5.44 -15.05 -8.83
C GLN A 756 -6.71 -15.82 -8.50
N GLY A 757 -7.71 -15.74 -9.37
CA GLY A 757 -8.96 -16.44 -9.13
C GLY A 757 -9.55 -17.11 -10.34
N VAL A 758 -10.45 -18.06 -10.12
CA VAL A 758 -11.16 -18.70 -11.22
C VAL A 758 -12.60 -18.41 -10.90
N THR A 759 -13.35 -17.96 -11.91
CA THR A 759 -14.77 -17.67 -11.72
C THR A 759 -15.51 -18.97 -11.56
N SER A 760 -16.40 -19.05 -10.56
CA SER A 760 -17.17 -20.27 -10.39
C SER A 760 -18.70 -20.12 -10.41
N TRP A 761 -19.22 -18.86 -10.46
CA TRP A 761 -20.63 -18.47 -10.53
C TRP A 761 -21.51 -19.02 -9.39
N GLY A 762 -21.67 -20.34 -9.35
CA GLY A 762 -22.45 -21.05 -8.34
C GLY A 762 -21.95 -20.88 -6.92
N LEU A 763 -20.67 -20.47 -6.77
CA LEU A 763 -20.00 -20.21 -5.50
C LEU A 763 -20.60 -19.01 -4.77
N GLY A 764 -21.23 -18.12 -5.53
CA GLY A 764 -21.86 -16.92 -5.00
C GLY A 764 -21.50 -15.70 -5.82
N CYS A 765 -22.46 -15.24 -6.65
CA CYS A 765 -22.33 -14.07 -7.52
C CYS A 765 -22.37 -12.78 -6.68
N ALA A 766 -21.64 -11.74 -7.13
CA ALA A 766 -21.59 -10.45 -6.45
C ALA A 766 -22.96 -9.78 -6.52
N ARG A 767 -23.60 -9.58 -5.35
CA ARG A 767 -24.90 -8.93 -5.23
C ARG A 767 -24.73 -7.51 -4.62
N PRO A 768 -25.75 -6.62 -4.52
CA PRO A 768 -25.49 -5.29 -3.93
C PRO A 768 -25.07 -5.40 -2.47
N ASN A 769 -23.96 -4.72 -2.12
CA ASN A 769 -23.35 -4.69 -0.79
C ASN A 769 -22.78 -6.06 -0.35
N LYS A 770 -22.26 -6.88 -1.31
CA LYS A 770 -21.64 -8.20 -1.12
C LYS A 770 -20.68 -8.52 -2.29
N PRO A 771 -19.38 -8.85 -2.07
CA PRO A 771 -18.50 -9.16 -3.21
C PRO A 771 -18.73 -10.57 -3.74
N GLY A 772 -18.15 -10.85 -4.90
CA GLY A 772 -18.19 -12.16 -5.51
C GLY A 772 -17.14 -13.00 -4.86
N VAL A 773 -17.27 -14.31 -4.98
CA VAL A 773 -16.33 -15.26 -4.39
C VAL A 773 -15.76 -16.11 -5.51
N TYR A 774 -14.44 -16.23 -5.53
CA TYR A 774 -13.71 -16.96 -6.57
C TYR A 774 -12.86 -18.01 -5.95
N VAL A 775 -12.39 -18.95 -6.76
CA VAL A 775 -11.49 -19.99 -6.31
C VAL A 775 -10.12 -19.34 -6.25
N ARG A 776 -9.49 -19.37 -5.08
CA ARG A 776 -8.17 -18.81 -4.91
C ARG A 776 -7.11 -19.74 -5.54
N VAL A 777 -6.69 -19.40 -6.77
CA VAL A 777 -5.69 -20.15 -7.55
C VAL A 777 -4.43 -20.48 -6.73
N SER A 778 -3.92 -19.52 -5.92
CA SER A 778 -2.69 -19.73 -5.13
C SER A 778 -2.71 -20.96 -4.23
N ARG A 779 -3.90 -21.41 -3.83
CA ARG A 779 -4.05 -22.59 -3.00
C ARG A 779 -4.05 -23.91 -3.80
N PHE A 780 -3.99 -23.82 -5.14
CA PHE A 780 -4.05 -25.01 -6.00
C PHE A 780 -2.92 -25.14 -6.98
N VAL A 781 -1.92 -24.25 -6.88
CA VAL A 781 -0.73 -24.22 -7.74
C VAL A 781 0.11 -25.49 -7.63
N THR A 782 0.38 -25.94 -6.41
CA THR A 782 1.13 -27.18 -6.22
C THR A 782 0.42 -28.34 -6.94
N TRP A 783 -0.91 -28.41 -6.79
CA TRP A 783 -1.68 -29.45 -7.46
C TRP A 783 -1.57 -29.32 -8.97
N ILE A 784 -1.71 -28.09 -9.49
CA ILE A 784 -1.64 -27.83 -10.92
C ILE A 784 -0.28 -28.21 -11.47
N GLU A 785 0.79 -27.63 -10.90
CA GLU A 785 2.13 -27.95 -11.39
C GLU A 785 2.40 -29.43 -11.26
N GLY A 786 1.78 -30.05 -10.26
CA GLY A 786 1.86 -31.48 -10.04
C GLY A 786 1.26 -32.24 -11.21
N VAL A 787 0.01 -31.90 -11.56
CA VAL A 787 -0.68 -32.52 -12.69
C VAL A 787 0.05 -32.29 -14.02
N MET A 788 0.72 -31.15 -14.16
CA MET A 788 1.41 -30.78 -15.39
C MET A 788 2.75 -31.50 -15.64
N ARG A 789 3.46 -31.96 -14.57
CA ARG A 789 4.77 -32.61 -14.68
C ARG A 789 4.65 -34.10 -14.91
N ASN A 790 3.55 -34.68 -14.45
CA ASN A 790 3.31 -36.12 -14.55
C ASN A 790 2.58 -36.48 -15.84
N ASN A 791 1.66 -35.62 -16.28
CA ASN A 791 0.88 -35.85 -17.49
C ASN A 791 1.24 -34.86 -18.59
C1 NGA B . -11.08 8.44 -5.17
C2 NGA B . -10.94 8.93 -6.62
C3 NGA B . -12.35 9.46 -6.92
C4 NGA B . -13.51 8.48 -6.51
C5 NGA B . -13.21 7.87 -5.12
C6 NGA B . -14.20 6.97 -4.42
C7 NGA B . -8.83 9.89 -7.65
C8 NGA B . -9.10 9.05 -8.90
N2 NGA B . -9.76 9.76 -6.65
O3 NGA B . -12.57 10.09 -8.21
O4 NGA B . -13.66 7.48 -7.50
O5 NGA B . -11.91 7.29 -5.13
O6 NGA B . -13.74 6.52 -3.15
O7 NGA B . -7.86 10.67 -7.46
C1 GAL B . -12.95 11.48 -8.05
C2 GAL B . -12.85 12.48 -9.21
C3 GAL B . -12.53 13.77 -8.43
C4 GAL B . -13.60 14.17 -7.32
C5 GAL B . -14.37 12.93 -6.75
C6 GAL B . -15.83 13.10 -6.39
O2 GAL B . -11.90 12.21 -10.23
O3 GAL B . -12.05 14.83 -9.24
O4 GAL B . -14.42 15.34 -7.64
O5 GAL B . -14.29 11.71 -7.54
O6 GAL B . -16.38 12.00 -5.68
C1 SIA B . -10.14 15.24 -7.46
C2 SIA B . -10.78 15.50 -8.90
C3 SIA B . -11.18 16.96 -9.07
C4 SIA B . -10.00 17.91 -9.30
C5 SIA B . -8.64 17.26 -9.71
C6 SIA B . -8.87 15.93 -10.48
C7 SIA B . -9.18 16.08 -11.98
C8 SIA B . -10.67 16.44 -12.21
C9 SIA B . -10.98 17.12 -13.53
C10 SIA B . -7.35 18.13 -7.62
C11 SIA B . -7.61 19.61 -7.99
N5 SIA B . -7.86 17.16 -8.46
O1A SIA B . -10.64 15.80 -6.45
O1B SIA B . -9.13 14.48 -7.40
O4 SIA B . -10.35 18.90 -10.29
O6 SIA B . -9.85 15.02 -9.90
O7 SIA B . -8.23 16.98 -12.58
O8 SIA B . -11.58 15.40 -11.86
O9 SIA B . -11.87 18.24 -13.40
O10 SIA B . -6.71 17.73 -6.58
CL CL C . 12.43 16.67 -3.29
CL CL D . 9.32 28.32 40.41
#